data_2GMV
#
_entry.id   2GMV
#
_cell.length_a   128.011
_cell.length_b   66.134
_cell.length_c   137.360
_cell.angle_alpha   90.00
_cell.angle_beta   145.09
_cell.angle_gamma   90.00
#
_symmetry.space_group_name_H-M   'P 1 21 1'
#
loop_
_entity.id
_entity.type
_entity.pdbx_description
1 polymer 'Phosphoenolpyruvate carboxykinase, cytosolic'
2 non-polymer 'MANGANESE (II) ION'
3 non-polymer PHOSPHOENOLPYRUVATE
4 non-polymer N-(4-{[3-BUTYL-1-(2-FLUOROBENZYL)-2,6-DIOXO-2,3,6,7-TETRAHYDRO-1H-PURIN-8-YL]METHYL}PHENYL)-1-METHYL-1H-IMIDAZOLE-4-SULFONAMIDE
5 water water
#
_entity_poly.entity_id   1
_entity_poly.type   'polypeptide(L)'
_entity_poly.pdbx_seq_one_letter_code
;GELMPPQLQNGLNLSAKVVQGSLDSLPQAVREFLENNAELCQPDHIHICDGSEEENGRLLGQMEEEGILRRLKKYDNCWL
ALTDPRDVARIESKTVIVTQEQRDTVPIPKTGLSQLGRWMSEEDFEKAFNARFPGCMKGRTMYVIPFSMGPLGSPLSKIG
IELTDSPYVVASMRIMTRMGTPVLEALGDGEFVKCLHSVGCPLPLQKPLVNNWPCNPELTLIAHLPDRREIISFGSGYGG
NSLLGKKCFALRMASRLAKEEGWLAEHMLVLGITNPEGEKKYLAAAFPSACGKTNLAMMNPSLPGWKVECVGDDIAWMKF
DAQGHLRAINPENGFFGVAPGTSVKTNPNAIKTIQKNTIFTNVAETSDGGVYWEGIDEPLASGVTITSWKNKEWSSEDGE
PCAHPNSRFCTPASQCPIIDAAWESPEGVPIEGIIFGGRRPAGVPLVYEALSWQHGVFVGAAMRSEATAAAEHKGKIIMH
DPFAMRPFFGYNFGKYLAHWLSMAQHPAAKLPKIFHVNWFRKDKEGKFLWPGFGENSRVLEWMFNRIDGKASTKLTPIGY
IPKEDALNLKGLGHINMMELFSISKEFWDKEVEDIEKYLVDQVNADLPCEIEREILALKQRISQM
;
_entity_poly.pdbx_strand_id   A,B
#
# COMPACT_ATOMS: atom_id res chain seq x y z
N ASN A 13 -22.05 4.12 -28.68
CA ASN A 13 -23.39 3.90 -28.17
C ASN A 13 -23.61 4.60 -26.82
N LEU A 14 -22.53 4.78 -26.06
CA LEU A 14 -22.62 5.44 -24.77
C LEU A 14 -21.96 6.81 -24.83
N SER A 15 -21.04 6.95 -25.79
CA SER A 15 -20.33 8.21 -26.02
C SER A 15 -21.28 9.34 -26.39
N ALA A 16 -22.47 8.97 -26.87
CA ALA A 16 -23.44 9.94 -27.33
C ALA A 16 -24.29 10.53 -26.20
N LYS A 17 -24.06 10.05 -24.98
CA LYS A 17 -24.76 10.58 -23.81
C LYS A 17 -23.86 11.54 -23.03
N VAL A 18 -22.56 11.47 -23.31
CA VAL A 18 -21.55 12.23 -22.55
C VAL A 18 -21.56 13.73 -22.85
N VAL A 19 -21.94 14.52 -21.85
CA VAL A 19 -22.03 15.98 -22.01
C VAL A 19 -20.79 16.73 -21.51
N GLN A 20 -19.82 15.98 -20.97
CA GLN A 20 -18.55 16.56 -20.57
C GLN A 20 -17.47 15.50 -20.38
N GLY A 21 -16.23 15.87 -20.68
CA GLY A 21 -15.12 14.93 -20.60
C GLY A 21 -15.20 13.92 -21.74
N SER A 22 -14.35 12.89 -21.68
CA SER A 22 -14.29 11.92 -22.75
C SER A 22 -14.15 10.49 -22.24
N LEU A 23 -15.03 9.60 -22.71
CA LEU A 23 -14.91 8.18 -22.37
C LEU A 23 -13.50 7.69 -22.66
N ASP A 24 -12.95 8.14 -23.78
CA ASP A 24 -11.66 7.67 -24.28
C ASP A 24 -10.49 8.00 -23.35
N SER A 25 -10.56 9.16 -22.69
CA SER A 25 -9.47 9.61 -21.83
C SER A 25 -9.59 9.06 -20.41
N LEU A 26 -10.52 8.12 -20.20
CA LEU A 26 -10.67 7.45 -18.92
C LEU A 26 -9.80 6.20 -18.84
N PRO A 27 -9.16 5.97 -17.69
CA PRO A 27 -8.47 4.70 -17.47
C PRO A 27 -9.42 3.55 -17.77
N GLN A 28 -8.90 2.42 -18.25
CA GLN A 28 -9.75 1.30 -18.65
C GLN A 28 -10.66 0.84 -17.53
N ALA A 29 -10.10 0.73 -16.34
CA ALA A 29 -10.84 0.28 -15.18
C ALA A 29 -12.03 1.21 -14.91
N VAL A 30 -11.77 2.52 -14.91
CA VAL A 30 -12.80 3.53 -14.72
C VAL A 30 -13.88 3.43 -15.79
N ARG A 31 -13.46 3.38 -17.05
CA ARG A 31 -14.39 3.36 -18.17
C ARG A 31 -15.39 2.21 -18.08
N GLU A 32 -14.91 1.06 -17.62
CA GLU A 32 -15.75 -0.13 -17.58
C GLU A 32 -16.74 -0.05 -16.44
N PHE A 33 -16.28 0.45 -15.31
CA PHE A 33 -17.13 0.68 -14.16
C PHE A 33 -18.25 1.62 -14.59
N LEU A 34 -17.88 2.75 -15.17
CA LEU A 34 -18.86 3.73 -15.61
C LEU A 34 -19.85 3.14 -16.61
N GLU A 35 -19.33 2.53 -17.67
CA GLU A 35 -20.19 1.98 -18.72
C GLU A 35 -21.17 0.96 -18.14
N ASN A 36 -20.67 0.13 -17.25
CA ASN A 36 -21.51 -0.89 -16.63
C ASN A 36 -22.73 -0.33 -15.90
N ASN A 37 -22.55 0.76 -15.16
CA ASN A 37 -23.64 1.30 -14.36
C ASN A 37 -24.45 2.34 -15.11
N ALA A 38 -23.81 3.01 -16.05
CA ALA A 38 -24.51 3.88 -16.97
C ALA A 38 -25.57 3.04 -17.66
N GLU A 39 -25.18 1.84 -18.06
CA GLU A 39 -26.08 0.93 -18.76
C GLU A 39 -27.21 0.47 -17.87
N LEU A 40 -26.89 0.19 -16.62
CA LEU A 40 -27.89 -0.33 -15.68
C LEU A 40 -28.87 0.74 -15.22
N CYS A 41 -28.38 1.96 -15.03
CA CYS A 41 -29.19 3.02 -14.43
C CYS A 41 -29.95 3.86 -15.45
N GLN A 42 -29.42 3.93 -16.67
CA GLN A 42 -30.08 4.62 -17.77
C GLN A 42 -30.21 6.13 -17.61
N PRO A 43 -29.14 6.80 -17.17
CA PRO A 43 -29.26 8.26 -17.10
C PRO A 43 -29.23 8.84 -18.50
N ASP A 44 -30.06 9.83 -18.78
CA ASP A 44 -30.09 10.48 -20.08
C ASP A 44 -28.71 10.96 -20.48
N HIS A 45 -27.95 11.46 -19.51
CA HIS A 45 -26.62 11.99 -19.79
C HIS A 45 -25.53 11.55 -18.82
N ILE A 46 -24.29 11.65 -19.28
CA ILE A 46 -23.14 11.35 -18.45
C ILE A 46 -22.28 12.59 -18.43
N HIS A 47 -21.89 13.02 -17.24
CA HIS A 47 -21.08 14.22 -17.11
C HIS A 47 -19.81 13.89 -16.35
N ILE A 48 -18.73 13.64 -17.06
CA ILE A 48 -17.45 13.41 -16.39
C ILE A 48 -16.92 14.70 -15.77
N CYS A 49 -16.87 14.73 -14.44
CA CYS A 49 -16.48 15.92 -13.67
C CYS A 49 -15.01 16.22 -13.81
N ASP A 50 -14.69 17.48 -14.08
CA ASP A 50 -13.28 17.87 -14.21
C ASP A 50 -12.81 18.64 -12.98
N GLY A 51 -13.74 18.90 -12.07
CA GLY A 51 -13.40 19.49 -10.78
C GLY A 51 -13.03 20.95 -10.85
N SER A 52 -13.22 21.56 -12.01
CA SER A 52 -12.84 22.96 -12.21
C SER A 52 -13.82 23.90 -11.55
N GLU A 53 -13.35 25.12 -11.29
CA GLU A 53 -14.16 26.15 -10.67
C GLU A 53 -15.32 26.54 -11.59
N GLU A 54 -15.05 26.60 -12.88
CA GLU A 54 -16.06 26.93 -13.87
C GLU A 54 -17.16 25.88 -13.86
N GLU A 55 -16.79 24.61 -13.74
CA GLU A 55 -17.78 23.56 -13.66
C GLU A 55 -18.64 23.77 -12.43
N ASN A 56 -18.01 24.13 -11.31
CA ASN A 56 -18.72 24.35 -10.07
C ASN A 56 -19.71 25.49 -10.20
N GLY A 57 -19.25 26.57 -10.83
CA GLY A 57 -20.12 27.69 -11.14
C GLY A 57 -21.37 27.25 -11.89
N ARG A 58 -21.20 26.52 -12.99
CA ARG A 58 -22.34 26.15 -13.83
C ARG A 58 -23.28 25.18 -13.12
N LEU A 59 -22.76 24.41 -12.18
CA LEU A 59 -23.59 23.50 -11.38
C LEU A 59 -24.41 24.26 -10.33
N LEU A 60 -23.76 25.10 -9.53
CA LEU A 60 -24.48 25.96 -8.61
C LEU A 60 -25.59 26.64 -9.37
N GLY A 61 -25.22 27.22 -10.52
CA GLY A 61 -26.19 27.83 -11.41
C GLY A 61 -27.35 26.91 -11.77
N GLN A 62 -27.08 25.77 -12.39
CA GLN A 62 -28.14 24.82 -12.73
C GLN A 62 -29.02 24.58 -11.53
N MET A 63 -28.37 24.33 -10.40
CA MET A 63 -29.07 24.06 -9.14
C MET A 63 -29.96 25.22 -8.66
N GLU A 64 -29.44 26.43 -8.73
CA GLU A 64 -30.21 27.63 -8.39
C GLU A 64 -31.46 27.68 -9.28
N GLU A 65 -31.24 27.45 -10.56
CA GLU A 65 -32.25 27.48 -11.60
C GLU A 65 -33.32 26.39 -11.43
N GLU A 66 -32.91 25.21 -10.98
CA GLU A 66 -33.87 24.12 -10.76
C GLU A 66 -34.53 24.16 -9.38
N GLY A 67 -34.24 25.19 -8.60
CA GLY A 67 -34.86 25.34 -7.29
C GLY A 67 -34.23 24.48 -6.22
N ILE A 68 -33.04 23.96 -6.50
CA ILE A 68 -32.34 23.06 -5.57
C ILE A 68 -31.53 23.80 -4.50
N LEU A 69 -30.78 24.81 -4.90
CA LEU A 69 -30.04 25.66 -3.98
C LEU A 69 -30.53 27.08 -4.07
N ARG A 70 -30.23 27.86 -3.04
CA ARG A 70 -30.58 29.25 -2.95
C ARG A 70 -29.40 30.00 -2.35
N ARG A 71 -28.91 31.02 -3.02
CA ARG A 71 -27.69 31.71 -2.58
C ARG A 71 -27.95 32.59 -1.36
N LEU A 72 -27.00 32.58 -0.43
CA LEU A 72 -27.08 33.39 0.78
C LEU A 72 -26.32 34.68 0.55
N LYS A 73 -27.05 35.73 0.15
CA LYS A 73 -26.44 36.92 -0.41
C LYS A 73 -25.68 37.76 0.61
N LYS A 74 -25.72 37.36 1.87
CA LYS A 74 -24.93 38.05 2.88
C LYS A 74 -23.46 37.67 2.73
N TYR A 75 -23.19 36.53 2.11
CA TYR A 75 -21.83 36.03 2.06
C TYR A 75 -21.25 35.91 0.67
N ASP A 76 -19.94 35.81 0.64
CA ASP A 76 -19.19 35.53 -0.56
C ASP A 76 -19.36 34.08 -0.96
N ASN A 77 -20.23 33.84 -1.94
CA ASN A 77 -20.38 32.51 -2.54
C ASN A 77 -20.77 31.44 -1.52
N CYS A 78 -21.86 31.67 -0.80
CA CYS A 78 -22.42 30.66 0.10
C CYS A 78 -23.81 30.24 -0.36
N TRP A 79 -24.21 29.02 -0.02
CA TRP A 79 -25.46 28.46 -0.53
C TRP A 79 -26.23 27.69 0.53
N LEU A 80 -27.53 27.57 0.31
CA LEU A 80 -28.42 26.87 1.23
C LEU A 80 -29.21 25.78 0.50
N ALA A 81 -29.13 24.56 1.00
CA ALA A 81 -29.97 23.49 0.51
C ALA A 81 -30.93 23.12 1.63
N LEU A 82 -32.17 22.83 1.28
CA LEU A 82 -33.15 22.35 2.24
C LEU A 82 -33.60 20.99 1.75
N THR A 83 -33.90 20.08 2.68
CA THR A 83 -34.19 18.70 2.30
C THR A 83 -35.64 18.30 2.55
N ASP A 84 -35.96 17.09 2.11
CA ASP A 84 -37.18 16.42 2.49
C ASP A 84 -36.99 16.06 3.95
N PRO A 85 -38.01 16.29 4.79
CA PRO A 85 -37.87 16.07 6.23
C PRO A 85 -37.64 14.61 6.56
N ARG A 86 -37.93 13.72 5.61
CA ARG A 86 -37.70 12.29 5.80
C ARG A 86 -36.27 11.90 5.47
N ASP A 87 -35.48 12.86 4.98
CA ASP A 87 -34.10 12.58 4.60
C ASP A 87 -33.18 13.64 5.21
N VAL A 88 -32.84 13.47 6.48
CA VAL A 88 -32.10 14.51 7.20
C VAL A 88 -30.84 14.05 7.95
N ALA A 89 -30.45 12.78 7.81
CA ALA A 89 -29.28 12.27 8.51
C ALA A 89 -28.79 10.95 7.94
N ARG A 90 -27.51 10.65 8.19
CA ARG A 90 -26.99 9.30 8.03
C ARG A 90 -27.93 8.40 8.83
N ILE A 91 -28.24 7.22 8.30
CA ILE A 91 -29.20 6.35 8.96
C ILE A 91 -28.69 4.93 9.09
N GLU A 92 -28.27 4.58 10.31
CA GLU A 92 -27.66 3.28 10.59
C GLU A 92 -28.48 2.07 10.18
N SER A 93 -29.80 2.15 10.38
CA SER A 93 -30.65 0.97 10.21
C SER A 93 -30.87 0.57 8.76
N LYS A 94 -30.42 1.40 7.83
CA LYS A 94 -30.44 1.00 6.43
C LYS A 94 -29.04 0.82 5.89
N THR A 95 -28.07 0.70 6.80
CA THR A 95 -26.67 0.55 6.44
C THR A 95 -26.20 -0.84 6.76
N VAL A 96 -25.60 -1.50 5.76
CA VAL A 96 -25.15 -2.87 5.94
C VAL A 96 -23.81 -3.06 5.29
N ILE A 97 -23.18 -4.18 5.62
CA ILE A 97 -21.96 -4.59 4.95
C ILE A 97 -22.18 -6.01 4.44
N VAL A 98 -21.82 -6.24 3.19
CA VAL A 98 -22.10 -7.51 2.52
C VAL A 98 -20.86 -8.38 2.40
N THR A 99 -20.85 -9.52 3.10
CA THR A 99 -19.75 -10.48 2.98
C THR A 99 -20.27 -11.89 2.78
N GLN A 100 -19.39 -12.80 2.39
CA GLN A 100 -19.82 -14.19 2.23
C GLN A 100 -20.11 -14.77 3.59
N GLU A 101 -19.16 -14.63 4.51
CA GLU A 101 -19.37 -15.06 5.90
C GLU A 101 -19.80 -13.88 6.75
N GLN A 102 -20.98 -13.97 7.36
CA GLN A 102 -21.42 -12.93 8.27
C GLN A 102 -20.34 -12.61 9.29
N ARG A 103 -19.65 -13.64 9.74
CA ARG A 103 -18.72 -13.48 10.84
C ARG A 103 -17.59 -12.49 10.52
N ASP A 104 -17.27 -12.34 9.23
CA ASP A 104 -16.22 -11.41 8.82
C ASP A 104 -16.63 -9.97 9.07
N THR A 105 -17.94 -9.74 9.15
CA THR A 105 -18.51 -8.40 9.22
C THR A 105 -18.83 -8.01 10.65
N VAL A 106 -19.47 -8.93 11.38
CA VAL A 106 -19.83 -8.73 12.78
C VAL A 106 -19.61 -10.01 13.58
N PRO A 107 -19.35 -9.88 14.90
CA PRO A 107 -19.30 -11.07 15.74
C PRO A 107 -20.70 -11.63 15.94
N ILE A 108 -20.81 -12.91 16.28
CA ILE A 108 -22.11 -13.50 16.54
C ILE A 108 -22.42 -13.39 18.04
N PRO A 109 -23.30 -12.45 18.40
CA PRO A 109 -23.51 -12.14 19.82
C PRO A 109 -24.15 -13.34 20.48
N LYS A 110 -23.88 -13.55 21.77
CA LYS A 110 -24.56 -14.60 22.52
C LYS A 110 -26.06 -14.33 22.50
N THR A 111 -26.42 -13.12 22.94
CA THR A 111 -27.81 -12.73 23.07
C THR A 111 -28.30 -11.89 21.89
N GLY A 112 -29.11 -12.50 21.03
CA GLY A 112 -29.94 -11.75 20.10
C GLY A 112 -29.26 -11.04 18.94
N LEU A 113 -29.37 -9.70 18.93
CA LEU A 113 -28.87 -8.92 17.78
C LEU A 113 -27.64 -8.04 18.04
N SER A 114 -26.75 -8.03 17.06
CA SER A 114 -25.47 -7.33 17.13
C SER A 114 -25.64 -5.82 17.14
N GLN A 115 -24.96 -5.16 18.07
CA GLN A 115 -24.90 -3.70 18.14
C GLN A 115 -23.65 -3.20 17.44
N LEU A 116 -22.88 -4.12 16.83
CA LEU A 116 -21.54 -3.81 16.34
C LEU A 116 -21.40 -3.76 14.82
N GLY A 117 -22.53 -3.92 14.13
CA GLY A 117 -22.56 -3.92 12.69
C GLY A 117 -23.89 -4.42 12.19
N ARG A 118 -24.06 -4.48 10.87
CA ARG A 118 -25.29 -4.98 10.27
C ARG A 118 -24.94 -5.69 8.98
N TRP A 119 -24.92 -7.02 9.03
CA TRP A 119 -24.55 -7.86 7.91
C TRP A 119 -25.72 -8.16 6.99
N MET A 120 -25.42 -8.37 5.71
CA MET A 120 -26.40 -8.80 4.73
C MET A 120 -25.75 -9.73 3.73
N SER A 121 -26.34 -10.91 3.54
CA SER A 121 -25.76 -11.91 2.62
C SER A 121 -25.78 -11.38 1.19
N GLU A 122 -24.87 -11.89 0.37
CA GLU A 122 -24.77 -11.44 -1.02
C GLU A 122 -26.03 -11.80 -1.78
N GLU A 123 -26.60 -12.94 -1.39
CA GLU A 123 -27.86 -13.42 -1.93
C GLU A 123 -28.93 -12.35 -1.73
N ASP A 124 -29.19 -12.03 -0.46
CA ASP A 124 -30.17 -11.00 -0.11
C ASP A 124 -29.85 -9.64 -0.72
N PHE A 125 -28.57 -9.34 -0.85
CA PHE A 125 -28.20 -8.07 -1.44
C PHE A 125 -28.34 -8.06 -2.97
N GLU A 126 -28.24 -9.23 -3.58
CA GLU A 126 -28.47 -9.34 -5.02
C GLU A 126 -29.87 -8.90 -5.32
N LYS A 127 -30.82 -9.44 -4.56
CA LYS A 127 -32.23 -9.15 -4.76
C LYS A 127 -32.52 -7.69 -4.43
N ALA A 128 -31.93 -7.19 -3.35
CA ALA A 128 -32.15 -5.81 -2.89
C ALA A 128 -31.73 -4.78 -3.92
N PHE A 129 -30.55 -5.01 -4.49
CA PHE A 129 -29.97 -4.14 -5.52
C PHE A 129 -30.81 -4.11 -6.78
N ASN A 130 -31.17 -5.30 -7.26
CA ASN A 130 -31.96 -5.43 -8.47
C ASN A 130 -33.37 -4.87 -8.29
N ALA A 131 -33.80 -4.75 -7.03
CA ALA A 131 -35.08 -4.16 -6.71
C ALA A 131 -35.02 -2.63 -6.65
N ARG A 132 -33.87 -2.05 -6.97
CA ARG A 132 -33.67 -0.61 -6.81
C ARG A 132 -33.00 0.05 -8.01
N PHE A 133 -31.90 -0.52 -8.46
CA PHE A 133 -31.01 0.23 -9.36
C PHE A 133 -31.36 0.31 -10.86
N PRO A 134 -31.94 -0.74 -11.44
CA PRO A 134 -32.23 -0.67 -12.88
C PRO A 134 -33.09 0.54 -13.27
N GLY A 135 -32.58 1.34 -14.20
CA GLY A 135 -33.32 2.48 -14.72
C GLY A 135 -33.61 3.54 -13.68
N CYS A 136 -32.84 3.54 -12.59
CA CYS A 136 -33.09 4.46 -11.49
C CYS A 136 -32.69 5.90 -11.82
N MET A 137 -31.86 6.08 -12.85
CA MET A 137 -31.43 7.42 -13.22
C MET A 137 -32.09 8.01 -14.49
N LYS A 138 -33.08 7.33 -15.05
CA LYS A 138 -33.84 7.89 -16.18
C LYS A 138 -34.33 9.30 -15.88
N GLY A 139 -34.08 10.23 -16.81
CA GLY A 139 -34.49 11.62 -16.62
C GLY A 139 -33.37 12.42 -15.97
N ARG A 140 -32.31 11.73 -15.55
CA ARG A 140 -31.25 12.39 -14.83
C ARG A 140 -29.89 12.23 -15.52
N THR A 141 -29.00 13.18 -15.22
CA THR A 141 -27.60 13.07 -15.59
C THR A 141 -26.86 12.31 -14.52
N MET A 142 -26.09 11.31 -14.93
CA MET A 142 -25.14 10.67 -14.05
C MET A 142 -23.84 11.48 -14.05
N TYR A 143 -23.45 12.01 -12.89
CA TYR A 143 -22.15 12.66 -12.76
C TYR A 143 -21.08 11.67 -12.34
N VAL A 144 -19.89 11.82 -12.90
CA VAL A 144 -18.77 10.96 -12.59
C VAL A 144 -17.74 11.75 -11.78
N ILE A 145 -17.65 11.46 -10.49
CA ILE A 145 -16.76 12.18 -9.59
C ILE A 145 -15.50 11.38 -9.28
N PRO A 146 -14.36 11.82 -9.82
CA PRO A 146 -13.06 11.24 -9.43
C PRO A 146 -12.52 12.00 -8.23
N PHE A 147 -12.22 11.28 -7.14
CA PHE A 147 -11.79 11.95 -5.91
C PHE A 147 -10.68 11.22 -5.19
N SER A 148 -9.78 11.97 -4.57
CA SER A 148 -8.72 11.40 -3.76
C SER A 148 -9.02 11.64 -2.31
N MET A 149 -8.92 10.58 -1.50
CA MET A 149 -9.00 10.76 -0.07
C MET A 149 -7.57 10.92 0.44
N GLY A 150 -7.21 12.15 0.79
CA GLY A 150 -5.86 12.47 1.22
C GLY A 150 -5.20 13.33 0.16
N PRO A 151 -4.08 14.00 0.51
CA PRO A 151 -3.38 14.88 -0.42
C PRO A 151 -3.07 14.16 -1.73
N LEU A 152 -3.15 14.87 -2.84
CA LEU A 152 -2.82 14.28 -4.13
C LEU A 152 -1.35 13.89 -4.09
N GLY A 153 -1.06 12.66 -4.49
CA GLY A 153 0.32 12.20 -4.51
C GLY A 153 0.89 11.81 -3.16
N SER A 154 0.02 11.61 -2.17
CA SER A 154 0.48 11.05 -0.92
C SER A 154 0.35 9.53 -0.97
N PRO A 155 1.44 8.83 -0.68
CA PRO A 155 1.44 7.38 -0.55
C PRO A 155 0.36 6.86 0.40
N LEU A 156 -0.20 7.74 1.24
CA LEU A 156 -1.20 7.32 2.20
C LEU A 156 -2.62 7.45 1.62
N SER A 157 -2.75 8.26 0.58
CA SER A 157 -4.03 8.53 -0.04
C SER A 157 -4.54 7.38 -0.88
N LYS A 158 -5.86 7.22 -0.91
CA LYS A 158 -6.50 6.28 -1.79
C LYS A 158 -7.53 7.00 -2.65
N ILE A 159 -7.82 6.43 -3.81
CA ILE A 159 -8.67 7.07 -4.81
C ILE A 159 -9.98 6.33 -4.98
N GLY A 160 -11.04 7.09 -5.25
CA GLY A 160 -12.35 6.53 -5.53
C GLY A 160 -12.97 7.14 -6.76
N ILE A 161 -14.09 6.56 -7.18
CA ILE A 161 -14.88 7.13 -8.25
C ILE A 161 -16.32 7.07 -7.81
N GLU A 162 -16.98 8.21 -7.71
CA GLU A 162 -18.40 8.18 -7.36
C GLU A 162 -19.34 8.54 -8.53
N LEU A 163 -20.20 7.60 -8.85
CA LEU A 163 -21.30 7.88 -9.77
C LEU A 163 -22.51 8.30 -8.93
N THR A 164 -23.12 9.44 -9.28
CA THR A 164 -24.29 9.96 -8.56
C THR A 164 -25.18 10.75 -9.50
N ASP A 165 -26.48 10.80 -9.19
CA ASP A 165 -27.41 11.60 -9.97
C ASP A 165 -27.81 12.82 -9.18
N SER A 166 -26.91 13.27 -8.32
CA SER A 166 -27.17 14.37 -7.41
C SER A 166 -26.09 15.44 -7.53
N PRO A 167 -26.46 16.62 -8.04
CA PRO A 167 -25.55 17.77 -8.21
C PRO A 167 -25.11 18.32 -6.87
N TYR A 168 -25.98 18.13 -5.87
CA TYR A 168 -25.66 18.45 -4.48
C TYR A 168 -24.47 17.60 -4.02
N VAL A 169 -24.55 16.30 -4.29
CA VAL A 169 -23.45 15.40 -3.98
C VAL A 169 -22.19 15.87 -4.67
N VAL A 170 -22.31 16.25 -5.94
CA VAL A 170 -21.14 16.65 -6.70
C VAL A 170 -20.48 17.89 -6.12
N ALA A 171 -21.26 18.92 -5.83
CA ALA A 171 -20.69 20.15 -5.28
C ALA A 171 -20.13 19.95 -3.87
N SER A 172 -20.79 19.12 -3.07
CA SER A 172 -20.28 18.82 -1.72
C SER A 172 -18.98 18.01 -1.79
N MET A 173 -18.92 17.06 -2.71
CA MET A 173 -17.72 16.25 -2.89
C MET A 173 -16.54 17.10 -3.38
N ARG A 174 -16.82 18.20 -4.05
CA ARG A 174 -15.74 19.08 -4.47
C ARG A 174 -15.07 19.72 -3.26
N ILE A 175 -15.85 19.92 -2.20
CA ILE A 175 -15.35 20.54 -0.99
C ILE A 175 -14.73 19.50 -0.06
N MET A 176 -15.43 18.39 0.11
CA MET A 176 -15.01 17.38 1.08
C MET A 176 -13.89 16.47 0.57
N THR A 177 -13.61 16.52 -0.72
CA THR A 177 -12.50 15.74 -1.26
C THR A 177 -11.68 16.54 -2.28
N ARG A 178 -10.55 15.98 -2.72
CA ARG A 178 -9.88 16.50 -3.90
C ARG A 178 -10.54 15.82 -5.08
N MET A 179 -11.09 16.61 -5.99
CA MET A 179 -11.92 16.05 -7.03
C MET A 179 -11.53 16.71 -8.35
N GLY A 180 -11.68 15.97 -9.45
CA GLY A 180 -11.39 16.54 -10.75
C GLY A 180 -10.54 15.65 -11.63
N THR A 181 -10.03 16.23 -12.71
CA THR A 181 -9.22 15.50 -13.67
C THR A 181 -7.85 15.10 -13.13
N PRO A 182 -7.23 15.97 -12.32
CA PRO A 182 -5.93 15.63 -11.74
C PRO A 182 -5.95 14.33 -10.93
N VAL A 183 -7.12 13.89 -10.49
CA VAL A 183 -7.23 12.64 -9.76
C VAL A 183 -7.13 11.47 -10.72
N LEU A 184 -7.74 11.61 -11.90
CA LEU A 184 -7.64 10.57 -12.94
C LEU A 184 -6.20 10.33 -13.33
N GLU A 185 -5.39 11.39 -13.29
CA GLU A 185 -3.99 11.30 -13.66
C GLU A 185 -3.12 10.66 -12.58
N ALA A 186 -3.36 11.02 -11.33
CA ALA A 186 -2.68 10.36 -10.23
C ALA A 186 -3.10 8.89 -10.16
N LEU A 187 -4.31 8.59 -10.60
CA LEU A 187 -4.85 7.24 -10.46
C LEU A 187 -4.27 6.30 -11.51
N GLY A 188 -4.07 6.82 -12.72
CA GLY A 188 -3.56 6.03 -13.83
C GLY A 188 -4.35 4.75 -14.01
N ASP A 189 -3.63 3.63 -14.13
CA ASP A 189 -4.28 2.34 -14.30
C ASP A 189 -4.47 1.57 -12.98
N GLY A 190 -4.16 2.21 -11.86
CA GLY A 190 -4.22 1.56 -10.56
C GLY A 190 -5.60 1.27 -10.02
N GLU A 191 -5.65 0.81 -8.77
CA GLU A 191 -6.90 0.47 -8.11
C GLU A 191 -7.62 1.70 -7.56
N PHE A 192 -8.93 1.55 -7.38
CA PHE A 192 -9.73 2.60 -6.79
C PHE A 192 -10.98 1.98 -6.18
N VAL A 193 -11.63 2.71 -5.29
CA VAL A 193 -12.89 2.23 -4.72
C VAL A 193 -14.04 2.62 -5.64
N LYS A 194 -14.91 1.66 -5.93
CA LYS A 194 -16.04 1.92 -6.82
C LYS A 194 -17.26 2.34 -6.01
N CYS A 195 -17.67 3.60 -6.14
CA CYS A 195 -18.80 4.14 -5.39
C CYS A 195 -19.99 4.50 -6.29
N LEU A 196 -21.14 3.88 -6.05
CA LEU A 196 -22.34 4.16 -6.84
C LEU A 196 -23.45 4.73 -5.96
N HIS A 197 -24.06 5.83 -6.38
CA HIS A 197 -25.14 6.42 -5.60
C HIS A 197 -26.30 6.95 -6.47
N SER A 198 -27.53 6.78 -5.98
CA SER A 198 -28.70 7.27 -6.69
C SER A 198 -29.79 7.71 -5.71
N VAL A 199 -30.30 8.93 -5.87
CA VAL A 199 -31.34 9.46 -5.00
C VAL A 199 -32.61 8.64 -5.12
N GLY A 200 -32.65 7.76 -6.12
CA GLY A 200 -33.70 6.77 -6.25
C GLY A 200 -35.04 7.26 -6.78
N CYS A 201 -35.03 8.34 -7.54
CA CYS A 201 -36.29 8.90 -8.05
C CYS A 201 -36.19 9.21 -9.54
N PRO A 202 -36.30 8.17 -10.38
CA PRO A 202 -36.31 8.39 -11.83
C PRO A 202 -37.46 9.29 -12.23
N LEU A 203 -37.29 10.02 -13.32
CA LEU A 203 -38.37 10.81 -13.90
C LEU A 203 -39.04 10.01 -15.00
N PRO A 204 -40.37 10.18 -15.16
CA PRO A 204 -41.19 11.04 -14.31
C PRO A 204 -41.38 10.44 -12.92
N LEU A 205 -41.58 11.30 -11.92
CA LEU A 205 -41.65 10.88 -10.53
C LEU A 205 -42.89 10.05 -10.24
N GLN A 206 -42.77 9.13 -9.29
CA GLN A 206 -43.89 8.29 -8.88
C GLN A 206 -44.51 8.78 -7.56
N LYS A 207 -43.71 9.46 -6.77
CA LYS A 207 -44.17 10.05 -5.52
C LYS A 207 -43.88 11.56 -5.56
N PRO A 208 -44.59 12.35 -4.74
CA PRO A 208 -44.42 13.81 -4.80
C PRO A 208 -43.01 14.22 -4.41
N LEU A 209 -42.62 15.43 -4.80
CA LEU A 209 -41.29 15.93 -4.52
C LEU A 209 -41.35 17.04 -3.46
N VAL A 210 -40.65 16.86 -2.35
CA VAL A 210 -40.63 17.86 -1.29
C VAL A 210 -39.33 18.67 -1.33
N ASN A 211 -39.44 19.98 -1.16
CA ASN A 211 -38.26 20.88 -1.17
C ASN A 211 -37.28 20.61 -2.31
N ASN A 212 -37.83 20.13 -3.44
CA ASN A 212 -37.06 19.78 -4.63
C ASN A 212 -35.90 18.83 -4.33
N TRP A 213 -36.09 18.02 -3.30
CA TRP A 213 -35.06 17.13 -2.78
C TRP A 213 -35.46 15.67 -2.96
N PRO A 214 -35.03 15.05 -4.07
CA PRO A 214 -35.37 13.66 -4.42
C PRO A 214 -34.78 12.65 -3.45
N CYS A 215 -35.62 11.80 -2.89
CA CYS A 215 -35.18 10.72 -2.00
C CYS A 215 -36.24 9.62 -1.98
N ASN A 216 -35.84 8.45 -1.53
CA ASN A 216 -36.74 7.30 -1.45
C ASN A 216 -36.51 6.56 -0.12
N PRO A 217 -37.13 7.05 0.97
CA PRO A 217 -36.83 6.51 2.31
C PRO A 217 -37.21 5.04 2.46
N GLU A 218 -38.23 4.59 1.75
CA GLU A 218 -38.68 3.20 1.88
C GLU A 218 -37.62 2.21 1.44
N LEU A 219 -36.98 2.49 0.31
CA LEU A 219 -36.00 1.59 -0.26
C LEU A 219 -34.57 2.04 0.05
N THR A 220 -34.44 3.02 0.94
CA THR A 220 -33.12 3.51 1.30
C THR A 220 -32.22 2.38 1.80
N LEU A 221 -30.99 2.34 1.30
CA LEU A 221 -30.06 1.28 1.63
C LEU A 221 -28.65 1.76 1.30
N ILE A 222 -27.73 1.62 2.26
CA ILE A 222 -26.33 1.96 2.08
C ILE A 222 -25.48 0.72 2.38
N ALA A 223 -24.98 0.08 1.33
CA ALA A 223 -24.31 -1.21 1.46
C ALA A 223 -22.86 -1.12 1.01
N HIS A 224 -21.98 -1.82 1.73
CA HIS A 224 -20.60 -1.91 1.34
C HIS A 224 -20.24 -3.37 1.04
N LEU A 225 -19.61 -3.61 -0.09
CA LEU A 225 -19.07 -4.92 -0.41
C LEU A 225 -17.55 -4.80 -0.40
N PRO A 226 -16.93 -5.11 0.74
CA PRO A 226 -15.48 -4.92 0.95
C PRO A 226 -14.66 -5.77 -0.01
N ASP A 227 -15.18 -6.94 -0.36
CA ASP A 227 -14.45 -7.89 -1.19
C ASP A 227 -14.43 -7.47 -2.66
N ARG A 228 -15.49 -6.82 -3.10
CA ARG A 228 -15.54 -6.27 -4.44
C ARG A 228 -15.10 -4.81 -4.45
N ARG A 229 -14.66 -4.32 -3.29
CA ARG A 229 -14.21 -2.94 -3.15
C ARG A 229 -15.24 -1.93 -3.64
N GLU A 230 -16.50 -2.19 -3.34
CA GLU A 230 -17.59 -1.33 -3.80
C GLU A 230 -18.40 -0.77 -2.66
N ILE A 231 -18.91 0.43 -2.87
CA ILE A 231 -19.86 1.06 -1.96
C ILE A 231 -21.06 1.48 -2.80
N ILE A 232 -22.24 0.98 -2.43
CA ILE A 232 -23.42 1.13 -3.26
C ILE A 232 -24.53 1.70 -2.41
N SER A 233 -25.01 2.89 -2.78
CA SER A 233 -25.92 3.63 -1.93
C SER A 233 -27.14 4.12 -2.70
N PHE A 234 -28.32 3.85 -2.15
CA PHE A 234 -29.57 4.14 -2.84
C PHE A 234 -30.57 4.82 -1.91
N GLY A 235 -31.27 5.83 -2.43
CA GLY A 235 -32.44 6.36 -1.75
C GLY A 235 -32.29 7.58 -0.86
N SER A 236 -31.05 7.94 -0.54
CA SER A 236 -30.81 9.12 0.29
C SER A 236 -29.79 10.03 -0.36
N GLY A 237 -29.97 11.34 -0.21
CA GLY A 237 -29.05 12.30 -0.78
C GLY A 237 -28.22 13.00 0.27
N TYR A 238 -28.34 12.53 1.52
CA TYR A 238 -27.79 13.26 2.66
C TYR A 238 -26.42 12.76 3.14
N GLY A 239 -25.57 13.73 3.49
CA GLY A 239 -24.32 13.50 4.21
C GLY A 239 -23.67 12.15 4.12
N GLY A 240 -23.65 11.42 5.24
CA GLY A 240 -22.96 10.16 5.33
C GLY A 240 -23.51 9.09 4.40
N ASN A 241 -24.74 9.30 3.95
CA ASN A 241 -25.41 8.38 3.03
C ASN A 241 -25.00 8.56 1.58
N SER A 242 -24.71 9.78 1.17
CA SER A 242 -24.51 10.08 -0.24
C SER A 242 -23.08 10.50 -0.56
N LEU A 243 -22.45 11.23 0.36
CA LEU A 243 -21.07 11.64 0.16
C LEU A 243 -20.21 10.42 0.51
N LEU A 244 -20.00 9.55 -0.48
CA LEU A 244 -19.49 8.19 -0.22
C LEU A 244 -18.04 8.13 0.26
N GLY A 245 -17.26 9.17 -0.02
CA GLY A 245 -15.89 9.19 0.45
C GLY A 245 -15.81 9.35 1.96
N LYS A 246 -16.88 9.80 2.58
CA LYS A 246 -16.80 10.20 4.00
C LYS A 246 -16.83 9.06 5.03
N LYS A 247 -18.01 8.53 5.36
CA LYS A 247 -18.09 7.41 6.29
C LYS A 247 -17.88 6.06 5.58
N CYS A 248 -18.47 5.92 4.40
CA CYS A 248 -18.52 4.62 3.72
C CYS A 248 -17.14 4.13 3.30
N PHE A 249 -16.37 5.05 2.74
CA PHE A 249 -15.07 4.77 2.19
C PHE A 249 -14.05 5.01 3.30
N ALA A 250 -14.05 6.20 3.86
CA ALA A 250 -12.96 6.65 4.72
C ALA A 250 -12.91 5.95 6.08
N LEU A 251 -14.04 5.40 6.51
CA LEU A 251 -14.09 4.63 7.74
C LEU A 251 -14.40 3.15 7.54
N ARG A 252 -15.54 2.84 6.93
CA ARG A 252 -15.92 1.44 6.77
C ARG A 252 -15.01 0.68 5.81
N MET A 253 -14.89 1.14 4.58
CA MET A 253 -14.03 0.46 3.61
C MET A 253 -12.56 0.57 3.98
N ALA A 254 -12.15 1.74 4.45
CA ALA A 254 -10.76 1.97 4.84
C ALA A 254 -10.31 1.07 5.99
N SER A 255 -11.19 0.86 6.97
CA SER A 255 -10.81 0.00 8.09
C SER A 255 -10.40 -1.38 7.60
N ARG A 256 -11.16 -1.94 6.66
CA ARG A 256 -10.79 -3.21 6.03
C ARG A 256 -9.43 -3.17 5.33
N LEU A 257 -9.21 -2.14 4.50
CA LEU A 257 -7.95 -2.01 3.78
C LEU A 257 -6.80 -1.90 4.77
N ALA A 258 -6.97 -1.00 5.73
CA ALA A 258 -5.99 -0.78 6.78
C ALA A 258 -5.67 -2.07 7.52
N LYS A 259 -6.67 -2.90 7.75
CA LYS A 259 -6.44 -4.19 8.41
C LYS A 259 -5.59 -5.12 7.56
N GLU A 260 -5.78 -5.07 6.24
CA GLU A 260 -5.03 -5.92 5.32
C GLU A 260 -3.62 -5.41 5.16
N GLU A 261 -3.44 -4.11 5.33
CA GLU A 261 -2.18 -3.46 5.03
C GLU A 261 -1.37 -2.97 6.25
N GLY A 262 -1.87 -3.22 7.46
CA GLY A 262 -1.11 -2.91 8.66
C GLY A 262 -1.15 -1.47 9.17
N TRP A 263 -2.17 -0.71 8.77
CA TRP A 263 -2.35 0.64 9.32
C TRP A 263 -3.73 0.82 9.95
N LEU A 264 -4.11 2.06 10.24
CA LEU A 264 -5.34 2.32 10.98
C LEU A 264 -6.20 3.40 10.34
N ALA A 265 -7.48 3.08 10.14
CA ALA A 265 -8.44 4.02 9.59
C ALA A 265 -9.44 4.29 10.68
N GLU A 266 -9.45 5.51 11.19
CA GLU A 266 -10.11 5.77 12.45
C GLU A 266 -10.92 7.06 12.48
N HIS A 267 -11.87 7.09 13.41
CA HIS A 267 -12.80 8.20 13.55
C HIS A 267 -12.24 9.16 14.58
N MET A 268 -11.22 9.90 14.17
CA MET A 268 -10.46 10.74 15.07
C MET A 268 -10.17 12.10 14.46
N LEU A 269 -10.27 13.13 15.29
CA LEU A 269 -9.75 14.43 14.93
C LEU A 269 -8.23 14.37 15.09
N VAL A 270 -7.53 15.29 14.43
CA VAL A 270 -6.10 15.45 14.59
C VAL A 270 -5.83 16.95 14.75
N LEU A 271 -5.05 17.31 15.77
CA LEU A 271 -4.65 18.69 16.01
C LEU A 271 -3.17 18.72 16.34
N GLY A 272 -2.49 19.80 15.99
CA GLY A 272 -1.12 20.02 16.42
C GLY A 272 -1.10 21.01 17.55
N ILE A 273 -0.38 20.69 18.63
CA ILE A 273 -0.31 21.59 19.79
C ILE A 273 1.13 22.00 20.14
N THR A 274 1.36 23.31 20.21
CA THR A 274 2.68 23.86 20.52
C THR A 274 2.66 24.48 21.90
N ASN A 275 3.69 24.23 22.70
CA ASN A 275 3.81 24.84 24.02
C ASN A 275 4.56 26.17 23.92
N PRO A 276 4.68 26.91 25.04
CA PRO A 276 5.34 28.23 24.94
C PRO A 276 6.77 28.16 24.40
N GLU A 277 7.50 27.10 24.71
CA GLU A 277 8.88 26.94 24.27
C GLU A 277 9.00 26.64 22.78
N GLY A 278 7.89 26.25 22.16
CA GLY A 278 7.88 26.01 20.72
C GLY A 278 8.01 24.54 20.37
N GLU A 279 7.86 23.67 21.37
CA GLU A 279 7.85 22.23 21.11
C GLU A 279 6.46 21.82 20.67
N LYS A 280 6.38 21.11 19.55
CA LYS A 280 5.10 20.80 18.93
C LYS A 280 4.82 19.30 18.95
N LYS A 281 3.57 18.94 19.22
CA LYS A 281 3.11 17.56 19.12
C LYS A 281 1.77 17.45 18.38
N TYR A 282 1.57 16.35 17.68
CA TYR A 282 0.26 16.05 17.09
C TYR A 282 -0.52 15.04 17.93
N LEU A 283 -1.79 15.35 18.19
CA LEU A 283 -2.64 14.49 19.00
C LEU A 283 -3.86 14.09 18.18
N ALA A 284 -4.29 12.84 18.31
CA ALA A 284 -5.52 12.36 17.65
C ALA A 284 -6.57 12.06 18.71
N ALA A 285 -7.86 12.17 18.37
CA ALA A 285 -8.91 11.96 19.37
C ALA A 285 -10.24 11.42 18.83
N ALA A 286 -10.81 10.46 19.53
CA ALA A 286 -12.06 9.81 19.15
C ALA A 286 -13.13 10.11 20.19
N PHE A 287 -14.21 10.74 19.74
CA PHE A 287 -15.31 11.09 20.63
C PHE A 287 -16.62 10.63 20.02
N PRO A 288 -17.52 10.09 20.86
CA PRO A 288 -18.88 9.82 20.41
C PRO A 288 -19.56 11.17 20.16
N SER A 289 -20.83 11.13 19.81
CA SER A 289 -21.58 12.34 19.56
C SER A 289 -21.80 13.09 20.87
N ALA A 290 -22.01 14.40 20.78
CA ALA A 290 -22.39 15.22 21.92
C ALA A 290 -21.24 15.55 22.87
N CYS A 291 -20.02 15.54 22.35
CA CYS A 291 -18.83 15.77 23.15
C CYS A 291 -18.04 17.02 22.75
N GLY A 292 -18.45 17.69 21.69
CA GLY A 292 -17.75 18.87 21.24
C GLY A 292 -16.48 18.47 20.50
N LYS A 293 -16.57 17.37 19.76
CA LYS A 293 -15.46 16.88 18.96
C LYS A 293 -14.93 18.00 18.08
N THR A 294 -15.78 18.53 17.20
CA THR A 294 -15.34 19.54 16.24
C THR A 294 -14.84 20.79 16.97
N ASN A 295 -15.51 21.13 18.07
CA ASN A 295 -15.07 22.27 18.89
C ASN A 295 -13.66 22.10 19.40
N LEU A 296 -13.29 20.87 19.73
CA LEU A 296 -11.95 20.61 20.24
C LEU A 296 -10.93 20.68 19.10
N ALA A 297 -11.34 20.22 17.92
CA ALA A 297 -10.43 20.21 16.78
C ALA A 297 -9.91 21.59 16.42
N MET A 298 -10.67 22.63 16.77
CA MET A 298 -10.31 24.00 16.42
C MET A 298 -10.18 24.85 17.66
N MET A 299 -9.90 24.19 18.77
CA MET A 299 -9.81 24.87 20.06
C MET A 299 -8.95 26.12 20.05
N ASN A 300 -9.53 27.20 20.55
CA ASN A 300 -8.77 28.39 20.91
C ASN A 300 -8.36 28.22 22.37
N PRO A 301 -7.11 27.83 22.62
CA PRO A 301 -6.61 27.43 23.93
C PRO A 301 -6.47 28.59 24.90
N SER A 302 -6.89 28.40 26.14
CA SER A 302 -6.92 29.48 27.10
C SER A 302 -5.56 29.74 27.78
N LEU A 303 -4.67 28.74 27.79
CA LEU A 303 -3.37 28.90 28.42
C LEU A 303 -2.48 29.80 27.59
N PRO A 304 -1.79 30.77 28.22
CA PRO A 304 -0.89 31.68 27.51
C PRO A 304 0.38 31.01 26.94
N GLY A 305 0.73 31.37 25.71
CA GLY A 305 1.87 30.80 25.03
C GLY A 305 1.56 29.58 24.18
N TRP A 306 0.41 28.96 24.41
CA TRP A 306 0.08 27.71 23.74
C TRP A 306 -0.59 27.92 22.38
N LYS A 307 -0.36 27.00 21.45
CA LYS A 307 -0.94 27.08 20.11
C LYS A 307 -1.67 25.77 19.77
N VAL A 308 -2.84 25.88 19.18
CA VAL A 308 -3.55 24.70 18.69
C VAL A 308 -3.88 24.91 17.22
N GLU A 309 -3.48 23.96 16.39
CA GLU A 309 -3.77 23.99 14.96
C GLU A 309 -4.60 22.79 14.55
N CYS A 310 -5.43 22.95 13.53
CA CYS A 310 -6.31 21.89 13.10
C CYS A 310 -5.81 21.16 11.85
N VAL A 311 -5.63 19.85 11.96
CA VAL A 311 -5.33 19.02 10.80
C VAL A 311 -6.63 18.44 10.24
N GLY A 312 -7.47 17.90 11.12
CA GLY A 312 -8.78 17.37 10.73
C GLY A 312 -9.77 17.27 11.88
N ASP A 313 -11.06 17.27 11.58
CA ASP A 313 -12.05 17.27 12.67
C ASP A 313 -12.88 15.99 12.75
N ASP A 314 -12.58 15.01 11.92
CA ASP A 314 -13.44 13.83 11.85
C ASP A 314 -12.71 12.49 11.65
N ILE A 315 -11.88 12.39 10.63
CA ILE A 315 -11.29 11.10 10.29
C ILE A 315 -9.79 11.19 10.12
N ALA A 316 -9.09 10.15 10.57
CA ALA A 316 -7.65 10.09 10.54
C ALA A 316 -7.16 8.76 9.97
N TRP A 317 -6.29 8.78 8.97
CA TRP A 317 -5.63 7.56 8.54
C TRP A 317 -4.20 7.56 9.07
N MET A 318 -3.84 6.52 9.82
CA MET A 318 -2.57 6.46 10.53
C MET A 318 -1.75 5.24 10.14
N LYS A 319 -0.49 5.50 9.76
CA LYS A 319 0.40 4.47 9.26
C LYS A 319 1.83 4.75 9.69
N PHE A 320 2.50 3.75 10.23
CA PHE A 320 3.89 3.88 10.65
C PHE A 320 4.80 4.16 9.47
N ASP A 321 5.71 5.12 9.62
CA ASP A 321 6.68 5.38 8.56
C ASP A 321 7.95 4.53 8.71
N ALA A 322 8.86 4.63 7.75
CA ALA A 322 10.09 3.84 7.78
C ALA A 322 10.78 4.01 9.13
N GLN A 323 10.73 5.23 9.65
CA GLN A 323 11.37 5.59 10.91
C GLN A 323 10.62 5.09 12.14
N GLY A 324 9.37 4.67 11.97
CA GLY A 324 8.59 4.13 13.09
C GLY A 324 7.52 5.05 13.64
N HIS A 325 7.41 6.25 13.10
CA HIS A 325 6.41 7.22 13.53
C HIS A 325 5.01 6.85 13.04
N LEU A 326 4.04 6.94 13.94
CA LEU A 326 2.66 6.78 13.52
C LEU A 326 2.16 8.09 12.92
N ARG A 327 2.30 8.22 11.62
CA ARG A 327 1.92 9.44 10.94
C ARG A 327 0.48 9.40 10.48
N ALA A 328 -0.18 10.55 10.48
CA ALA A 328 -1.59 10.62 10.13
C ALA A 328 -1.85 11.60 9.02
N ILE A 329 -2.79 11.27 8.15
CA ILE A 329 -3.34 12.25 7.23
C ILE A 329 -4.82 12.41 7.51
N ASN A 330 -5.32 13.62 7.29
CA ASN A 330 -6.73 13.83 7.15
C ASN A 330 -7.07 13.40 5.72
N PRO A 331 -7.86 12.32 5.58
CA PRO A 331 -8.23 11.90 4.23
C PRO A 331 -9.28 12.82 3.60
N GLU A 332 -9.64 13.89 4.30
CA GLU A 332 -10.70 14.77 3.83
C GLU A 332 -10.16 16.13 3.41
N ASN A 333 -10.98 16.87 2.67
CA ASN A 333 -10.58 18.17 2.12
C ASN A 333 -11.38 19.32 2.72
N GLY A 334 -12.28 18.99 3.64
CA GLY A 334 -13.20 19.97 4.17
C GLY A 334 -13.85 19.49 5.44
N PHE A 335 -14.60 20.38 6.07
CA PHE A 335 -15.36 20.05 7.27
C PHE A 335 -16.85 19.92 6.95
N PHE A 336 -17.48 18.87 7.45
CA PHE A 336 -18.92 18.66 7.33
C PHE A 336 -19.51 18.68 8.74
N GLY A 337 -19.41 19.84 9.40
CA GLY A 337 -19.80 19.94 10.79
C GLY A 337 -21.27 20.20 11.04
N VAL A 338 -21.74 19.83 12.22
CA VAL A 338 -23.09 20.14 12.65
C VAL A 338 -23.12 21.62 12.98
N ALA A 339 -24.14 22.32 12.50
CA ALA A 339 -24.21 23.78 12.65
C ALA A 339 -24.72 24.23 14.02
N PRO A 340 -25.94 23.80 14.41
CA PRO A 340 -26.45 24.23 15.71
C PRO A 340 -25.37 24.13 16.78
N GLY A 341 -25.19 25.19 17.55
CA GLY A 341 -24.21 25.18 18.62
C GLY A 341 -22.90 25.86 18.23
N THR A 342 -22.73 26.11 16.94
CA THR A 342 -21.51 26.78 16.48
C THR A 342 -21.62 28.29 16.68
N SER A 343 -20.70 28.83 17.48
CA SER A 343 -20.71 30.25 17.78
C SER A 343 -19.30 30.77 18.01
N VAL A 344 -19.18 32.09 17.98
CA VAL A 344 -17.94 32.78 18.31
C VAL A 344 -17.41 32.35 19.69
N LYS A 345 -18.32 31.93 20.57
CA LYS A 345 -17.88 31.47 21.89
C LYS A 345 -17.45 30.02 21.90
N THR A 346 -18.27 29.13 21.37
CA THR A 346 -17.93 27.70 21.43
C THR A 346 -16.90 27.33 20.38
N ASN A 347 -16.72 28.17 19.37
CA ASN A 347 -15.91 27.81 18.20
C ASN A 347 -15.72 28.94 17.20
N PRO A 348 -14.82 29.90 17.52
CA PRO A 348 -14.68 31.12 16.71
C PRO A 348 -14.09 30.80 15.34
N ASN A 349 -13.24 29.78 15.30
CA ASN A 349 -12.54 29.45 14.08
C ASN A 349 -13.42 28.80 13.04
N ALA A 350 -14.39 28.01 13.49
CA ALA A 350 -15.38 27.48 12.57
C ALA A 350 -16.12 28.65 11.95
N ILE A 351 -16.55 29.57 12.78
CA ILE A 351 -17.28 30.76 12.33
C ILE A 351 -16.58 31.50 11.19
N LYS A 352 -15.28 31.72 11.31
CA LYS A 352 -14.54 32.39 10.24
C LYS A 352 -14.40 31.50 9.01
N THR A 353 -14.25 30.20 9.22
CA THR A 353 -14.05 29.27 8.11
C THR A 353 -15.19 29.37 7.10
N ILE A 354 -16.42 29.38 7.61
CA ILE A 354 -17.63 29.24 6.80
C ILE A 354 -18.18 30.58 6.30
N GLN A 355 -17.39 31.64 6.43
CA GLN A 355 -17.82 32.96 6.01
C GLN A 355 -17.93 33.06 4.50
N LYS A 356 -17.39 32.07 3.80
CA LYS A 356 -17.42 32.11 2.33
C LYS A 356 -17.21 30.74 1.74
N ASN A 357 -17.61 30.58 0.49
CA ASN A 357 -17.38 29.35 -0.24
C ASN A 357 -17.91 28.11 0.44
N THR A 358 -19.08 28.24 1.07
CA THR A 358 -19.60 27.22 1.97
C THR A 358 -21.01 26.80 1.60
N ILE A 359 -21.28 25.50 1.71
CA ILE A 359 -22.63 25.00 1.47
C ILE A 359 -23.31 24.57 2.77
N PHE A 360 -24.50 25.12 3.02
CA PHE A 360 -25.26 24.81 4.25
C PHE A 360 -26.49 23.97 3.92
N THR A 361 -26.91 23.13 4.85
CA THR A 361 -28.05 22.24 4.66
C THR A 361 -29.00 22.26 5.86
N ASN A 362 -30.26 22.61 5.61
CA ASN A 362 -31.26 22.63 6.67
C ASN A 362 -30.92 23.61 7.80
N VAL A 363 -30.27 24.71 7.46
CA VAL A 363 -30.17 25.83 8.39
C VAL A 363 -31.29 26.83 8.10
N ALA A 364 -31.54 27.71 9.06
CA ALA A 364 -32.48 28.80 8.85
C ALA A 364 -31.75 29.90 8.08
N GLU A 365 -32.50 30.73 7.39
CA GLU A 365 -31.91 31.86 6.68
C GLU A 365 -32.57 33.16 7.13
N THR A 366 -31.76 34.15 7.50
CA THR A 366 -32.31 35.43 7.95
C THR A 366 -32.75 36.33 6.79
N SER A 367 -33.60 37.31 7.10
CA SER A 367 -34.19 38.19 6.09
C SER A 367 -33.17 39.01 5.32
N ASP A 368 -31.96 39.13 5.85
CA ASP A 368 -30.91 39.82 5.10
C ASP A 368 -29.88 38.84 4.56
N GLY A 369 -30.33 37.61 4.34
CA GLY A 369 -29.60 36.65 3.54
C GLY A 369 -28.40 36.01 4.21
N GLY A 370 -28.47 35.85 5.53
CA GLY A 370 -27.45 35.11 6.25
C GLY A 370 -27.97 33.75 6.70
N VAL A 371 -27.24 33.09 7.59
CA VAL A 371 -27.69 31.81 8.14
C VAL A 371 -27.99 31.95 9.62
N TYR A 372 -28.76 31.02 10.16
CA TYR A 372 -29.12 31.07 11.58
C TYR A 372 -29.34 29.67 12.14
N TRP A 373 -29.19 29.52 13.46
CA TRP A 373 -29.39 28.22 14.10
C TRP A 373 -29.31 28.35 15.63
N GLU A 374 -29.91 27.40 16.34
CA GLU A 374 -29.87 27.41 17.79
C GLU A 374 -28.43 27.47 18.28
N GLY A 375 -28.18 28.26 19.33
CA GLY A 375 -26.86 28.36 19.91
C GLY A 375 -25.88 29.19 19.11
N ILE A 376 -26.34 29.82 18.04
CA ILE A 376 -25.43 30.66 17.25
C ILE A 376 -24.97 31.86 18.06
N ASP A 377 -25.78 32.26 19.04
CA ASP A 377 -25.43 33.33 19.97
C ASP A 377 -25.14 34.63 19.22
N GLU A 378 -26.17 35.21 18.61
CA GLU A 378 -25.98 36.38 17.79
C GLU A 378 -27.26 37.17 17.60
N PRO A 379 -27.39 38.29 18.31
CA PRO A 379 -28.58 39.13 18.21
C PRO A 379 -28.84 39.54 16.78
N LEU A 380 -30.11 39.55 16.36
CA LEU A 380 -30.48 40.06 15.03
C LEU A 380 -30.76 41.54 15.13
N ALA A 381 -30.41 42.29 14.09
CA ALA A 381 -30.74 43.71 14.05
C ALA A 381 -32.25 43.92 14.18
N SER A 382 -32.67 45.17 14.30
CA SER A 382 -34.09 45.48 14.46
C SER A 382 -34.93 45.03 13.26
N GLY A 383 -35.94 44.21 13.53
CA GLY A 383 -36.87 43.78 12.51
C GLY A 383 -36.29 42.86 11.44
N VAL A 384 -35.14 42.26 11.72
CA VAL A 384 -34.62 41.19 10.86
C VAL A 384 -35.39 39.91 11.19
N THR A 385 -35.81 39.17 10.16
CA THR A 385 -36.66 38.01 10.39
C THR A 385 -35.99 36.70 9.97
N ILE A 386 -36.65 35.58 10.25
CA ILE A 386 -36.04 34.27 10.08
C ILE A 386 -36.94 33.27 9.36
N THR A 387 -36.40 32.58 8.37
CA THR A 387 -37.10 31.48 7.70
C THR A 387 -36.48 30.17 8.14
N SER A 388 -37.30 29.29 8.71
CA SER A 388 -36.79 28.04 9.28
C SER A 388 -36.31 27.10 8.19
N TRP A 389 -35.76 25.96 8.57
CA TRP A 389 -35.25 25.00 7.60
C TRP A 389 -36.38 24.26 6.89
N LYS A 390 -37.62 24.45 7.35
CA LYS A 390 -38.78 23.81 6.75
C LYS A 390 -39.39 24.81 5.79
N ASN A 391 -38.63 25.86 5.52
CA ASN A 391 -39.05 26.90 4.60
C ASN A 391 -40.29 27.64 5.07
N LYS A 392 -40.35 27.90 6.37
CA LYS A 392 -41.49 28.61 6.95
C LYS A 392 -41.02 29.74 7.85
N GLU A 393 -41.83 30.79 7.97
CA GLU A 393 -41.50 31.93 8.82
C GLU A 393 -41.42 31.45 10.26
N TRP A 394 -40.38 31.88 10.97
CA TRP A 394 -40.08 31.32 12.27
C TRP A 394 -39.93 32.39 13.37
N SER A 395 -40.43 32.06 14.56
CA SER A 395 -40.24 32.89 15.74
C SER A 395 -39.66 32.01 16.85
N SER A 396 -39.09 32.65 17.87
CA SER A 396 -38.56 31.91 19.01
C SER A 396 -39.69 31.39 19.90
N GLU A 397 -40.93 31.62 19.47
CA GLU A 397 -42.11 31.25 20.24
C GLU A 397 -42.86 30.05 19.63
N ASP A 398 -42.17 29.26 18.83
CA ASP A 398 -42.81 28.16 18.13
C ASP A 398 -42.55 26.85 18.84
N GLY A 399 -41.62 26.86 19.78
CA GLY A 399 -41.21 25.65 20.46
C GLY A 399 -40.19 24.87 19.65
N GLU A 400 -40.37 24.86 18.33
CA GLU A 400 -39.50 24.09 17.45
C GLU A 400 -38.27 24.88 16.97
N PRO A 401 -37.19 24.18 16.65
CA PRO A 401 -35.92 24.80 16.24
C PRO A 401 -35.98 25.37 14.82
N CYS A 402 -35.25 26.45 14.57
CA CYS A 402 -35.20 27.05 13.24
C CYS A 402 -34.27 26.26 12.30
N ALA A 403 -33.34 25.50 12.87
CA ALA A 403 -32.47 24.66 12.07
C ALA A 403 -32.61 23.23 12.55
N HIS A 404 -32.55 22.27 11.64
CA HIS A 404 -32.60 20.88 12.07
C HIS A 404 -31.35 20.60 12.89
N PRO A 405 -31.50 19.78 13.92
CA PRO A 405 -30.37 19.47 14.81
C PRO A 405 -29.17 18.88 14.06
N ASN A 406 -29.43 18.11 13.00
CA ASN A 406 -28.35 17.53 12.22
C ASN A 406 -27.96 18.37 11.00
N SER A 407 -28.42 19.61 10.96
CA SER A 407 -28.10 20.53 9.86
C SER A 407 -26.61 20.82 9.84
N ARG A 408 -26.08 21.13 8.66
CA ARG A 408 -24.63 21.09 8.43
C ARG A 408 -24.08 22.27 7.67
N PHE A 409 -22.81 22.57 7.92
CA PHE A 409 -22.02 23.37 7.02
C PHE A 409 -20.97 22.47 6.37
N CYS A 410 -20.68 22.76 5.11
CA CYS A 410 -19.77 21.97 4.30
C CYS A 410 -18.79 22.98 3.75
N THR A 411 -17.59 23.02 4.33
CA THR A 411 -16.72 24.17 4.15
C THR A 411 -15.27 23.69 3.88
N PRO A 412 -14.53 24.39 3.00
CA PRO A 412 -13.13 23.99 2.76
C PRO A 412 -12.23 24.10 4.02
N ALA A 413 -11.37 23.10 4.22
CA ALA A 413 -10.46 23.11 5.37
C ALA A 413 -9.43 24.20 5.25
N SER A 414 -9.09 24.51 4.00
CA SER A 414 -8.05 25.49 3.68
C SER A 414 -8.44 26.88 4.19
N GLN A 415 -9.72 27.09 4.42
CA GLN A 415 -10.21 28.38 4.91
C GLN A 415 -10.17 28.50 6.44
N CYS A 416 -9.83 27.41 7.14
CA CYS A 416 -9.77 27.49 8.59
C CYS A 416 -8.58 28.36 8.99
N PRO A 417 -8.85 29.44 9.74
CA PRO A 417 -7.83 30.40 10.16
C PRO A 417 -6.67 29.77 10.93
N ILE A 418 -6.89 28.62 11.59
CA ILE A 418 -5.82 27.92 12.30
C ILE A 418 -5.41 26.59 11.67
N ILE A 419 -5.82 26.36 10.43
CA ILE A 419 -5.48 25.11 9.75
C ILE A 419 -3.97 24.88 9.86
N ASP A 420 -3.57 23.63 10.07
CA ASP A 420 -2.18 23.30 10.36
C ASP A 420 -1.33 23.42 9.11
N ALA A 421 -0.11 23.92 9.29
CA ALA A 421 0.80 24.09 8.16
C ALA A 421 0.95 22.78 7.38
N ALA A 422 0.84 21.67 8.09
CA ALA A 422 1.04 20.36 7.48
C ALA A 422 -0.27 19.59 7.36
N TRP A 423 -1.39 20.30 7.42
CA TRP A 423 -2.69 19.63 7.33
C TRP A 423 -2.81 18.87 6.03
N GLU A 424 -1.92 19.18 5.09
CA GLU A 424 -1.98 18.65 3.74
C GLU A 424 -0.64 18.10 3.26
N SER A 425 0.35 18.03 4.15
CA SER A 425 1.62 17.38 3.84
C SER A 425 1.38 15.94 3.40
N PRO A 426 1.91 15.56 2.23
CA PRO A 426 1.73 14.20 1.71
C PRO A 426 2.32 13.13 2.62
N GLU A 427 3.22 13.52 3.52
CA GLU A 427 3.89 12.55 4.38
C GLU A 427 3.21 12.31 5.73
N GLY A 428 2.13 13.05 6.01
CA GLY A 428 1.42 12.89 7.27
C GLY A 428 2.07 13.62 8.43
N VAL A 429 1.45 13.55 9.61
CA VAL A 429 1.96 14.21 10.81
C VAL A 429 2.16 13.19 11.95
N PRO A 430 3.30 13.25 12.66
CA PRO A 430 3.58 12.24 13.68
C PRO A 430 2.67 12.35 14.89
N ILE A 431 1.88 11.31 15.14
CA ILE A 431 0.97 11.27 16.28
C ILE A 431 1.72 10.77 17.49
N GLU A 432 1.67 11.52 18.58
CA GLU A 432 2.36 11.12 19.79
C GLU A 432 1.42 10.76 20.94
N GLY A 433 0.12 10.96 20.73
CA GLY A 433 -0.87 10.60 21.74
C GLY A 433 -2.24 10.33 21.11
N ILE A 434 -2.90 9.28 21.56
CA ILE A 434 -4.25 8.96 21.10
C ILE A 434 -5.24 9.15 22.23
N ILE A 435 -6.22 10.02 22.04
CA ILE A 435 -7.18 10.33 23.09
C ILE A 435 -8.54 9.67 22.81
N PHE A 436 -9.08 8.95 23.80
CA PHE A 436 -10.47 8.49 23.72
C PHE A 436 -11.33 9.35 24.64
N GLY A 437 -12.62 9.47 24.36
CA GLY A 437 -13.46 10.35 25.14
C GLY A 437 -14.92 9.94 25.31
N GLY A 438 -15.59 10.57 26.26
CA GLY A 438 -17.00 10.31 26.46
C GLY A 438 -17.67 11.37 27.31
N ARG A 439 -19.00 11.36 27.30
CA ARG A 439 -19.77 12.20 28.20
C ARG A 439 -20.26 11.36 29.38
N ARG A 440 -19.53 11.43 30.50
CA ARG A 440 -19.96 10.73 31.71
C ARG A 440 -20.23 11.76 32.80
N PRO A 441 -21.51 11.98 33.13
CA PRO A 441 -21.86 12.94 34.17
C PRO A 441 -21.44 12.44 35.55
N ALA A 442 -21.20 11.13 35.67
CA ALA A 442 -20.82 10.56 36.96
C ALA A 442 -19.69 9.54 36.80
N GLY A 443 -18.94 9.33 37.87
CA GLY A 443 -17.96 8.25 37.95
C GLY A 443 -16.59 8.48 37.35
N VAL A 444 -16.55 8.95 36.11
CA VAL A 444 -15.32 8.95 35.33
C VAL A 444 -14.55 10.27 35.45
N PRO A 445 -13.29 10.19 35.95
CA PRO A 445 -12.38 11.33 36.12
C PRO A 445 -12.20 12.13 34.84
N LEU A 446 -11.99 13.43 35.00
CA LEU A 446 -11.73 14.34 33.88
C LEU A 446 -10.73 13.80 32.85
N VAL A 447 -9.69 13.14 33.33
CA VAL A 447 -8.65 12.61 32.45
C VAL A 447 -7.85 11.51 33.15
N TYR A 448 -7.39 10.53 32.37
CA TYR A 448 -6.47 9.51 32.87
C TYR A 448 -5.69 8.85 31.73
N GLU A 449 -4.65 8.11 32.10
CA GLU A 449 -3.73 7.52 31.13
C GLU A 449 -3.68 6.00 31.21
N ALA A 450 -3.64 5.35 30.06
CA ALA A 450 -3.59 3.90 29.96
C ALA A 450 -2.35 3.35 30.65
N LEU A 451 -2.40 2.09 31.05
CA LEU A 451 -1.24 1.48 31.70
C LEU A 451 -0.23 0.96 30.66
N SER A 452 -0.73 0.65 29.46
CA SER A 452 0.12 0.10 28.41
C SER A 452 -0.61 0.22 27.08
N TRP A 453 -0.05 -0.36 26.01
CA TRP A 453 -0.76 -0.36 24.74
C TRP A 453 -1.96 -1.27 24.91
N GLN A 454 -1.70 -2.49 25.38
CA GLN A 454 -2.77 -3.46 25.58
C GLN A 454 -3.92 -2.89 26.40
N HIS A 455 -3.61 -2.22 27.51
CA HIS A 455 -4.67 -1.64 28.32
C HIS A 455 -5.33 -0.48 27.58
N GLY A 456 -4.53 0.22 26.77
CA GLY A 456 -5.04 1.29 25.93
C GLY A 456 -6.10 0.79 24.97
N VAL A 457 -5.81 -0.31 24.28
CA VAL A 457 -6.78 -0.89 23.35
C VAL A 457 -8.11 -1.16 24.06
N PHE A 458 -8.03 -1.58 25.31
CA PHE A 458 -9.20 -1.93 26.12
C PHE A 458 -10.00 -0.70 26.54
N VAL A 459 -9.31 0.37 26.87
CA VAL A 459 -9.96 1.63 27.18
C VAL A 459 -10.79 2.05 25.96
N GLY A 460 -10.20 1.94 24.77
CA GLY A 460 -10.91 2.24 23.55
C GLY A 460 -12.15 1.37 23.44
N ALA A 461 -11.96 0.08 23.65
CA ALA A 461 -13.04 -0.89 23.57
C ALA A 461 -14.16 -0.64 24.57
N ALA A 462 -13.83 -0.07 25.72
CA ALA A 462 -14.78 0.05 26.84
C ALA A 462 -15.59 1.34 26.80
N MET A 463 -15.38 2.16 25.77
CA MET A 463 -15.96 3.50 25.75
C MET A 463 -17.47 3.48 25.85
N ARG A 464 -17.99 4.29 26.77
CA ARG A 464 -19.43 4.51 26.89
C ARG A 464 -19.65 6.01 26.97
N SER A 465 -20.87 6.46 26.67
CA SER A 465 -21.13 7.88 26.58
C SER A 465 -22.61 8.18 26.71
N GLU A 466 -22.94 9.33 27.30
CA GLU A 466 -24.33 9.73 27.45
C GLU A 466 -24.95 10.20 26.13
N ALA A 467 -26.11 9.63 25.80
CA ALA A 467 -26.94 10.11 24.70
C ALA A 467 -28.39 9.83 25.10
N LYS A 476 -29.46 11.10 28.57
CA LYS A 476 -30.57 10.45 29.24
C LYS A 476 -30.10 8.99 29.41
N ILE A 477 -29.65 8.40 28.30
CA ILE A 477 -29.18 7.03 28.33
C ILE A 477 -27.68 6.91 28.04
N ILE A 478 -27.02 6.04 28.78
CA ILE A 478 -25.59 5.78 28.59
C ILE A 478 -25.37 4.56 27.70
N MET A 479 -24.67 4.78 26.59
CA MET A 479 -24.52 3.78 25.54
C MET A 479 -23.07 3.45 25.31
N HIS A 480 -22.80 2.26 24.77
CA HIS A 480 -21.45 1.87 24.37
C HIS A 480 -21.11 2.39 22.98
N ASP A 481 -19.90 2.94 22.84
CA ASP A 481 -19.35 3.31 21.54
C ASP A 481 -17.86 3.01 21.48
N PRO A 482 -17.49 1.74 21.30
CA PRO A 482 -16.09 1.32 21.31
C PRO A 482 -15.30 2.08 20.25
N PHE A 483 -14.37 2.95 20.65
CA PHE A 483 -13.51 3.69 19.71
C PHE A 483 -14.28 4.78 18.94
N ALA A 484 -15.53 5.02 19.31
CA ALA A 484 -16.41 5.89 18.55
C ALA A 484 -16.60 5.38 17.12
N MET A 485 -16.40 4.08 16.92
CA MET A 485 -16.55 3.48 15.60
C MET A 485 -17.76 2.56 15.54
N ARG A 486 -18.56 2.50 16.59
CA ARG A 486 -19.64 1.52 16.61
C ARG A 486 -20.45 1.49 15.31
N PRO A 487 -20.83 2.68 14.78
CA PRO A 487 -21.62 2.68 13.54
C PRO A 487 -20.78 2.48 12.29
N PHE A 488 -19.45 2.37 12.44
CA PHE A 488 -18.54 2.45 11.29
C PHE A 488 -17.58 1.28 11.07
N PHE A 489 -17.61 0.25 11.92
CA PHE A 489 -16.68 -0.87 11.75
C PHE A 489 -16.83 -1.55 10.39
N GLY A 490 -15.75 -1.61 9.63
CA GLY A 490 -15.77 -2.23 8.32
C GLY A 490 -15.76 -3.75 8.34
N TYR A 491 -15.58 -4.31 9.52
CA TYR A 491 -15.45 -5.75 9.69
C TYR A 491 -15.54 -6.12 11.18
N ASN A 492 -15.49 -7.41 11.45
CA ASN A 492 -15.66 -7.94 12.80
C ASN A 492 -14.95 -7.11 13.87
N PHE A 493 -15.69 -6.58 14.83
CA PHE A 493 -15.09 -5.75 15.87
C PHE A 493 -14.05 -6.52 16.68
N GLY A 494 -14.27 -7.82 16.82
CA GLY A 494 -13.33 -8.67 17.52
C GLY A 494 -11.99 -8.69 16.83
N LYS A 495 -12.00 -8.85 15.50
CA LYS A 495 -10.76 -8.90 14.73
C LYS A 495 -10.11 -7.51 14.65
N TYR A 496 -10.94 -6.49 14.82
CA TYR A 496 -10.49 -5.09 14.81
C TYR A 496 -9.69 -4.82 16.06
N LEU A 497 -10.11 -5.43 17.17
CA LEU A 497 -9.42 -5.30 18.45
C LEU A 497 -8.05 -5.99 18.36
N ALA A 498 -8.02 -7.15 17.71
CA ALA A 498 -6.77 -7.89 17.51
C ALA A 498 -5.83 -7.12 16.60
N HIS A 499 -6.41 -6.41 15.65
CA HIS A 499 -5.61 -5.62 14.71
C HIS A 499 -4.92 -4.47 15.45
N TRP A 500 -5.66 -3.76 16.29
CA TRP A 500 -5.07 -2.72 17.12
C TRP A 500 -3.98 -3.31 18.01
N LEU A 501 -4.28 -4.45 18.62
CA LEU A 501 -3.33 -5.08 19.51
C LEU A 501 -2.00 -5.38 18.80
N SER A 502 -2.05 -5.76 17.53
CA SER A 502 -0.84 -6.17 16.81
C SER A 502 0.03 -4.98 16.44
N MET A 503 -0.52 -3.78 16.54
CA MET A 503 0.23 -2.58 16.20
C MET A 503 1.45 -2.46 17.11
N ALA A 504 1.37 -3.06 18.28
CA ALA A 504 2.48 -3.00 19.23
C ALA A 504 3.65 -3.82 18.74
N GLN A 505 3.42 -4.72 17.78
CA GLN A 505 4.50 -5.58 17.26
C GLN A 505 5.11 -5.05 15.99
N HIS A 506 4.53 -3.99 15.44
CA HIS A 506 5.09 -3.39 14.25
C HIS A 506 6.55 -3.02 14.55
N PRO A 507 7.49 -3.38 13.64
CA PRO A 507 8.93 -3.20 13.89
C PRO A 507 9.28 -1.74 14.16
N ALA A 508 9.88 -1.47 15.32
CA ALA A 508 10.35 -0.12 15.67
C ALA A 508 9.22 0.90 15.85
N ALA A 509 8.06 0.45 16.28
CA ALA A 509 6.91 1.31 16.49
C ALA A 509 7.14 2.32 17.64
N LYS A 510 7.08 3.61 17.33
CA LYS A 510 7.01 4.60 18.39
C LYS A 510 5.54 4.78 18.72
N LEU A 511 5.05 4.02 19.70
CA LEU A 511 3.62 4.02 20.02
C LEU A 511 3.17 5.24 20.84
N PRO A 512 2.03 5.83 20.45
CA PRO A 512 1.45 6.96 21.20
C PRO A 512 0.98 6.61 22.60
N LYS A 513 1.22 7.51 23.55
CA LYS A 513 0.55 7.48 24.84
C LYS A 513 -0.94 7.46 24.57
N ILE A 514 -1.68 6.69 25.36
CA ILE A 514 -3.12 6.62 25.19
C ILE A 514 -3.81 7.21 26.40
N PHE A 515 -4.79 8.08 26.15
CA PHE A 515 -5.47 8.80 27.21
C PHE A 515 -6.97 8.62 27.11
N HIS A 516 -7.68 8.82 28.22
CA HIS A 516 -9.13 8.94 28.18
C HIS A 516 -9.53 10.25 28.85
N VAL A 517 -10.47 10.98 28.24
CA VAL A 517 -10.91 12.25 28.79
C VAL A 517 -12.43 12.31 28.97
N ASN A 518 -12.88 13.27 29.78
CA ASN A 518 -14.31 13.46 30.04
C ASN A 518 -14.59 14.88 30.52
N TRP A 519 -15.08 15.73 29.63
CA TRP A 519 -15.34 17.13 29.99
C TRP A 519 -16.59 17.29 30.86
N PHE A 520 -17.33 16.20 31.04
CA PHE A 520 -18.74 16.37 31.38
C PHE A 520 -19.20 15.89 32.74
N ARG A 521 -18.25 15.62 33.64
CA ARG A 521 -18.62 15.16 34.97
C ARG A 521 -19.35 16.25 35.78
N LYS A 522 -20.33 15.84 36.59
CA LYS A 522 -21.14 16.79 37.36
C LYS A 522 -21.06 16.53 38.85
N ASP A 523 -21.28 17.57 39.65
CA ASP A 523 -21.34 17.44 41.11
C ASP A 523 -22.70 16.91 41.54
N LYS A 524 -22.91 16.72 42.85
CA LYS A 524 -24.18 16.17 43.33
C LYS A 524 -25.38 17.05 43.00
N GLU A 525 -25.14 18.34 42.80
CA GLU A 525 -26.20 19.29 42.47
C GLU A 525 -26.52 19.32 40.97
N GLY A 526 -25.81 18.51 40.19
CA GLY A 526 -26.06 18.46 38.75
C GLY A 526 -25.27 19.49 37.98
N LYS A 527 -24.24 20.05 38.61
CA LYS A 527 -23.45 21.08 37.97
C LYS A 527 -22.08 20.55 37.53
N PHE A 528 -21.64 20.94 36.34
CA PHE A 528 -20.36 20.49 35.80
C PHE A 528 -19.20 20.89 36.71
N LEU A 529 -18.24 19.99 36.85
CA LEU A 529 -17.08 20.20 37.71
C LEU A 529 -15.94 20.92 36.98
N TRP A 530 -15.93 20.82 35.66
CA TRP A 530 -14.84 21.35 34.87
C TRP A 530 -15.36 22.37 33.86
N PRO A 531 -14.80 23.59 33.88
CA PRO A 531 -15.13 24.72 33.01
C PRO A 531 -14.94 24.43 31.52
N GLY A 532 -14.20 23.38 31.19
CA GLY A 532 -14.11 22.91 29.81
C GLY A 532 -13.76 23.99 28.80
N PHE A 533 -14.24 23.80 27.57
CA PHE A 533 -13.89 24.64 26.43
C PHE A 533 -12.41 24.90 26.31
N GLY A 534 -12.01 26.18 26.23
CA GLY A 534 -10.61 26.52 26.07
C GLY A 534 -9.74 26.04 27.21
N GLU A 535 -10.36 25.73 28.35
CA GLU A 535 -9.64 25.32 29.54
C GLU A 535 -9.12 23.90 29.39
N ASN A 536 -9.62 23.19 28.39
CA ASN A 536 -9.22 21.82 28.17
C ASN A 536 -7.76 21.79 27.72
N SER A 537 -7.24 22.95 27.36
CA SER A 537 -5.84 23.11 27.01
C SER A 537 -4.96 22.79 28.23
N ARG A 538 -5.53 22.90 29.42
CA ARG A 538 -4.83 22.54 30.65
C ARG A 538 -4.70 21.03 30.72
N VAL A 539 -5.67 20.33 30.12
CA VAL A 539 -5.64 18.88 30.10
C VAL A 539 -4.66 18.38 29.06
N LEU A 540 -4.65 19.01 27.88
CA LEU A 540 -3.65 18.72 26.86
C LEU A 540 -2.22 19.01 27.33
N GLU A 541 -2.07 20.04 28.17
CA GLU A 541 -0.76 20.36 28.75
C GLU A 541 -0.24 19.17 29.54
N TRP A 542 -1.12 18.58 30.34
CA TRP A 542 -0.74 17.40 31.10
C TRP A 542 -0.30 16.26 30.19
N MET A 543 -1.11 15.95 29.19
CA MET A 543 -0.78 14.90 28.21
C MET A 543 0.57 15.18 27.54
N PHE A 544 0.78 16.43 27.14
CA PHE A 544 1.98 16.86 26.43
C PHE A 544 3.24 16.48 27.22
N ASN A 545 3.24 16.87 28.49
CA ASN A 545 4.40 16.65 29.34
C ASN A 545 4.53 15.17 29.75
N ARG A 546 3.41 14.50 29.95
CA ARG A 546 3.40 13.06 30.20
C ARG A 546 4.03 12.31 29.03
N ILE A 547 3.78 12.81 27.83
CA ILE A 547 4.39 12.23 26.64
C ILE A 547 5.91 12.33 26.75
N ASP A 548 6.39 13.40 27.40
CA ASP A 548 7.83 13.61 27.60
C ASP A 548 8.36 13.11 28.97
N GLY A 549 7.53 12.43 29.77
CA GLY A 549 7.86 12.09 31.15
C GLY A 549 7.50 13.24 32.09
N THR A 553 1.81 12.15 37.51
CA THR A 553 1.17 10.84 37.63
C THR A 553 0.87 10.33 39.04
N LYS A 554 -0.32 9.80 39.20
CA LYS A 554 -0.71 9.09 40.41
C LYS A 554 -1.46 7.85 39.96
N LEU A 555 -1.01 6.67 40.41
CA LEU A 555 -1.53 5.41 39.93
C LEU A 555 -2.87 5.09 40.56
N THR A 556 -3.76 4.49 39.77
CA THR A 556 -5.09 4.13 40.24
C THR A 556 -5.51 2.84 39.51
N PRO A 557 -6.64 2.26 39.91
CA PRO A 557 -7.14 1.02 39.28
C PRO A 557 -7.45 1.15 37.78
N ILE A 558 -7.74 2.37 37.32
CA ILE A 558 -8.14 2.63 35.93
C ILE A 558 -6.99 3.16 35.07
N GLY A 559 -5.85 3.41 35.69
CA GLY A 559 -4.72 4.01 35.01
C GLY A 559 -4.15 5.16 35.79
N TYR A 560 -3.29 5.96 35.18
CA TYR A 560 -2.71 7.10 35.87
C TYR A 560 -3.58 8.36 35.77
N ILE A 561 -3.81 9.03 36.90
CA ILE A 561 -4.39 10.38 36.89
C ILE A 561 -3.27 11.35 37.23
N PRO A 562 -3.53 12.66 37.12
CA PRO A 562 -2.48 13.62 37.50
C PRO A 562 -2.14 13.56 38.99
N LYS A 563 -0.86 13.76 39.34
CA LYS A 563 -0.45 13.98 40.72
C LYS A 563 -1.22 15.17 41.27
N GLU A 564 -1.42 15.21 42.58
CA GLU A 564 -2.02 16.39 43.21
C GLU A 564 -1.21 17.63 42.83
N ASP A 565 -1.91 18.68 42.39
CA ASP A 565 -1.28 19.93 41.94
C ASP A 565 -0.55 19.86 40.60
N ALA A 566 -0.73 18.77 39.85
CA ALA A 566 -0.03 18.65 38.57
C ALA A 566 -0.79 19.37 37.46
N LEU A 567 -2.10 19.50 37.64
CA LEU A 567 -2.94 20.16 36.66
C LEU A 567 -2.78 21.67 36.85
N ASN A 568 -2.76 22.43 35.75
CA ASN A 568 -2.64 23.88 35.84
C ASN A 568 -4.02 24.51 35.96
N LEU A 569 -4.34 25.00 37.15
CA LEU A 569 -5.65 25.61 37.41
C LEU A 569 -5.57 27.12 37.61
N LYS A 570 -4.48 27.75 37.16
CA LYS A 570 -4.30 29.18 37.34
C LYS A 570 -5.31 29.95 36.52
N GLY A 571 -6.07 30.81 37.18
CA GLY A 571 -7.06 31.62 36.51
C GLY A 571 -8.45 30.98 36.50
N LEU A 572 -8.52 29.72 36.93
CA LEU A 572 -9.82 29.08 37.09
C LEU A 572 -10.37 29.46 38.46
N GLY A 573 -11.64 29.15 38.68
CA GLY A 573 -12.21 29.37 39.99
C GLY A 573 -11.60 28.35 40.92
N HIS A 574 -12.32 28.07 42.00
CA HIS A 574 -11.96 26.94 42.81
C HIS A 574 -12.55 25.71 42.14
N ILE A 575 -11.70 24.78 41.73
CA ILE A 575 -12.17 23.53 41.12
C ILE A 575 -12.27 22.41 42.15
N ASN A 576 -13.40 21.73 42.18
CA ASN A 576 -13.58 20.59 43.06
C ASN A 576 -12.85 19.35 42.55
N MET A 577 -11.53 19.45 42.46
CA MET A 577 -10.68 18.39 41.97
C MET A 577 -10.99 17.04 42.60
N MET A 578 -10.97 17.00 43.92
CA MET A 578 -11.23 15.79 44.68
C MET A 578 -12.37 14.97 44.10
N GLU A 579 -13.50 15.62 43.85
CA GLU A 579 -14.67 14.94 43.34
C GLU A 579 -14.51 14.67 41.86
N LEU A 580 -13.80 15.57 41.18
CA LEU A 580 -13.59 15.48 39.75
C LEU A 580 -12.73 14.26 39.42
N PHE A 581 -11.77 13.97 40.28
CA PHE A 581 -10.85 12.87 40.04
C PHE A 581 -11.08 11.70 40.99
N SER A 582 -12.23 11.69 41.66
CA SER A 582 -12.55 10.59 42.55
C SER A 582 -12.86 9.31 41.76
N ILE A 583 -12.45 8.18 42.31
CA ILE A 583 -12.67 6.89 41.67
C ILE A 583 -13.24 5.96 42.73
N SER A 584 -14.56 5.74 42.70
CA SER A 584 -15.22 4.97 43.77
C SER A 584 -15.39 3.50 43.37
N LYS A 585 -15.15 2.63 44.33
CA LYS A 585 -15.27 1.20 44.11
C LYS A 585 -16.70 0.86 43.72
N GLU A 586 -17.67 1.43 44.41
CA GLU A 586 -19.05 1.13 44.14
C GLU A 586 -19.38 1.38 42.67
N PHE A 587 -18.96 2.54 42.17
CA PHE A 587 -19.17 2.89 40.77
C PHE A 587 -18.43 1.94 39.85
N TRP A 588 -17.11 1.84 40.05
CA TRP A 588 -16.27 1.06 39.14
C TRP A 588 -16.50 -0.45 39.18
N ASP A 589 -17.05 -0.94 40.29
CA ASP A 589 -17.56 -2.30 40.32
C ASP A 589 -18.63 -2.44 39.25
N LYS A 590 -19.65 -1.60 39.32
CA LYS A 590 -20.73 -1.60 38.34
C LYS A 590 -20.20 -1.40 36.94
N GLU A 591 -19.26 -0.47 36.79
CA GLU A 591 -18.73 -0.12 35.47
C GLU A 591 -18.07 -1.32 34.80
N VAL A 592 -17.09 -1.92 35.48
CA VAL A 592 -16.40 -3.07 34.91
C VAL A 592 -17.35 -4.24 34.65
N GLU A 593 -18.35 -4.43 35.52
CA GLU A 593 -19.34 -5.49 35.28
C GLU A 593 -20.10 -5.25 33.97
N ASP A 594 -20.46 -3.99 33.73
CA ASP A 594 -21.21 -3.61 32.53
C ASP A 594 -20.37 -3.79 31.29
N ILE A 595 -19.09 -3.46 31.42
CA ILE A 595 -18.13 -3.56 30.32
C ILE A 595 -17.81 -5.02 29.98
N GLU A 596 -17.62 -5.85 31.00
CA GLU A 596 -17.31 -7.25 30.77
C GLU A 596 -18.48 -7.96 30.13
N LYS A 597 -19.68 -7.62 30.59
CA LYS A 597 -20.91 -8.22 30.08
C LYS A 597 -21.15 -7.84 28.63
N TYR A 598 -20.98 -6.56 28.32
CA TYR A 598 -21.11 -6.06 26.96
C TYR A 598 -20.18 -6.76 26.00
N LEU A 599 -18.90 -6.75 26.33
CA LEU A 599 -17.86 -7.30 25.46
C LEU A 599 -17.98 -8.80 25.29
N VAL A 600 -18.41 -9.48 26.35
CA VAL A 600 -18.56 -10.93 26.31
C VAL A 600 -19.81 -11.38 25.55
N ASP A 601 -20.91 -10.64 25.71
CA ASP A 601 -22.14 -10.96 24.99
C ASP A 601 -21.97 -10.59 23.52
N GLN A 602 -21.37 -9.43 23.29
CA GLN A 602 -21.38 -8.82 21.96
C GLN A 602 -20.20 -9.22 21.07
N VAL A 603 -19.05 -9.53 21.67
CA VAL A 603 -17.89 -9.92 20.88
C VAL A 603 -17.65 -11.42 20.98
N ASN A 604 -17.97 -11.98 22.13
CA ASN A 604 -18.17 -13.42 22.20
C ASN A 604 -16.92 -14.17 21.77
N ALA A 605 -17.07 -15.00 20.74
CA ALA A 605 -15.98 -15.89 20.32
C ALA A 605 -14.81 -15.18 19.61
N ASP A 606 -14.99 -13.90 19.29
CA ASP A 606 -13.98 -13.15 18.57
C ASP A 606 -13.22 -12.20 19.47
N LEU A 607 -13.62 -12.19 20.75
CA LEU A 607 -12.98 -11.37 21.76
C LEU A 607 -11.58 -11.86 22.03
N PRO A 608 -10.57 -11.04 21.67
CA PRO A 608 -9.19 -11.48 21.90
C PRO A 608 -8.95 -11.78 23.37
N CYS A 609 -8.13 -12.79 23.66
CA CYS A 609 -7.87 -13.20 25.03
C CYS A 609 -7.15 -12.12 25.81
N GLU A 610 -6.36 -11.31 25.10
CA GLU A 610 -5.65 -10.21 25.74
C GLU A 610 -6.63 -9.20 26.32
N ILE A 611 -7.77 -9.06 25.66
CA ILE A 611 -8.83 -8.19 26.19
C ILE A 611 -9.47 -8.83 27.43
N GLU A 612 -9.66 -10.15 27.41
CA GLU A 612 -10.24 -10.84 28.55
C GLU A 612 -9.35 -10.62 29.77
N ARG A 613 -8.05 -10.52 29.52
CA ARG A 613 -7.09 -10.27 30.58
C ARG A 613 -7.15 -8.85 31.12
N GLU A 614 -7.36 -7.87 30.24
CA GLU A 614 -7.49 -6.49 30.72
C GLU A 614 -8.72 -6.37 31.61
N ILE A 615 -9.83 -6.94 31.16
CA ILE A 615 -11.05 -6.97 32.00
C ILE A 615 -10.68 -7.53 33.36
N LEU A 616 -10.26 -8.79 33.37
CA LEU A 616 -9.80 -9.45 34.59
C LEU A 616 -8.89 -8.56 35.45
N ALA A 617 -7.82 -8.04 34.86
CA ALA A 617 -6.91 -7.18 35.59
C ALA A 617 -7.64 -6.00 36.22
N LEU A 618 -8.50 -5.35 35.45
CA LEU A 618 -9.27 -4.23 35.98
C LEU A 618 -10.05 -4.70 37.18
N LYS A 619 -10.74 -5.83 37.04
CA LYS A 619 -11.52 -6.39 38.13
C LYS A 619 -10.67 -6.61 39.38
N GLN A 620 -9.45 -7.13 39.20
CA GLN A 620 -8.59 -7.43 40.35
C GLN A 620 -8.06 -6.17 41.02
N ARG A 621 -7.73 -5.16 40.24
CA ARG A 621 -7.30 -3.88 40.80
C ARG A 621 -8.43 -3.17 41.54
N ILE A 622 -9.65 -3.34 41.05
CA ILE A 622 -10.82 -2.75 41.65
C ILE A 622 -11.24 -3.45 42.94
N SER A 623 -11.09 -4.77 42.98
CA SER A 623 -11.55 -5.51 44.16
C SER A 623 -10.63 -5.28 45.36
N GLN A 624 -9.46 -4.70 45.10
CA GLN A 624 -8.49 -4.45 46.16
C GLN A 624 -8.59 -3.03 46.69
N MET A 625 -9.56 -2.28 46.20
CA MET A 625 -9.68 -0.88 46.60
C MET A 625 -10.78 -0.69 47.64
N ASN B 13 -5.60 -32.42 16.73
CA ASN B 13 -5.08 -33.20 15.62
C ASN B 13 -3.70 -32.74 15.14
N LEU B 14 -3.68 -31.74 14.25
CA LEU B 14 -2.46 -31.26 13.61
C LEU B 14 -1.32 -30.91 14.58
N SER B 15 -1.69 -30.50 15.80
CA SER B 15 -0.74 -29.97 16.76
C SER B 15 0.34 -30.98 17.18
N ALA B 16 -0.02 -32.26 17.19
CA ALA B 16 0.96 -33.30 17.55
C ALA B 16 2.09 -33.34 16.54
N LYS B 17 1.79 -33.00 15.29
CA LYS B 17 2.75 -33.06 14.20
C LYS B 17 3.80 -31.96 14.28
N VAL B 18 3.52 -30.91 15.04
CA VAL B 18 4.45 -29.78 15.07
C VAL B 18 5.71 -30.14 15.81
N VAL B 19 6.85 -29.70 15.29
CA VAL B 19 8.14 -30.02 15.87
C VAL B 19 8.93 -28.74 16.12
N GLN B 20 8.33 -27.61 15.79
CA GLN B 20 8.85 -26.31 16.20
C GLN B 20 7.82 -25.22 16.03
N GLY B 21 7.77 -24.30 16.98
CA GLY B 21 6.80 -23.23 16.99
C GLY B 21 5.46 -23.72 17.49
N SER B 22 4.47 -22.84 17.51
CA SER B 22 3.14 -23.19 18.00
C SER B 22 2.07 -22.72 17.02
N LEU B 23 1.10 -23.59 16.74
CA LEU B 23 -0.01 -23.22 15.88
C LEU B 23 -0.76 -22.02 16.45
N ASP B 24 -0.77 -21.91 17.78
CA ASP B 24 -1.63 -20.92 18.43
C ASP B 24 -1.06 -19.50 18.43
N SER B 25 0.24 -19.37 18.23
CA SER B 25 0.84 -18.04 18.19
C SER B 25 0.86 -17.44 16.77
N LEU B 26 0.45 -18.22 15.77
CA LEU B 26 0.39 -17.72 14.40
C LEU B 26 -0.82 -16.80 14.20
N PRO B 27 -0.67 -15.80 13.33
CA PRO B 27 -1.85 -15.02 12.92
C PRO B 27 -2.89 -15.98 12.33
N GLN B 28 -4.17 -15.69 12.53
CA GLN B 28 -5.24 -16.58 12.11
C GLN B 28 -5.14 -16.99 10.65
N ALA B 29 -4.89 -16.01 9.78
CA ALA B 29 -4.82 -16.29 8.36
C ALA B 29 -3.64 -17.18 8.03
N VAL B 30 -2.54 -16.99 8.74
CA VAL B 30 -1.33 -17.78 8.51
C VAL B 30 -1.60 -19.21 8.95
N ARG B 31 -2.23 -19.34 10.11
CA ARG B 31 -2.63 -20.62 10.66
C ARG B 31 -3.52 -21.36 9.68
N GLU B 32 -4.53 -20.68 9.14
CA GLU B 32 -5.45 -21.30 8.19
C GLU B 32 -4.75 -21.69 6.89
N PHE B 33 -3.86 -20.83 6.40
CA PHE B 33 -3.00 -21.16 5.28
C PHE B 33 -2.25 -22.48 5.54
N LEU B 34 -1.64 -22.59 6.73
CA LEU B 34 -0.92 -23.80 7.13
C LEU B 34 -1.85 -25.01 7.32
N GLU B 35 -2.94 -24.81 8.04
CA GLU B 35 -3.92 -25.86 8.30
C GLU B 35 -4.32 -26.52 6.99
N ASN B 36 -4.81 -25.71 6.06
CA ASN B 36 -5.30 -26.17 4.77
C ASN B 36 -4.32 -27.05 4.03
N ASN B 37 -3.12 -26.52 3.83
CA ASN B 37 -2.12 -27.16 3.00
C ASN B 37 -1.41 -28.33 3.65
N ALA B 38 -1.45 -28.39 4.97
CA ALA B 38 -0.85 -29.50 5.71
C ALA B 38 -1.79 -30.69 5.67
N GLU B 39 -3.08 -30.39 5.53
CA GLU B 39 -4.10 -31.41 5.38
C GLU B 39 -4.06 -31.97 3.96
N LEU B 40 -3.76 -31.10 3.00
CA LEU B 40 -3.67 -31.46 1.59
C LEU B 40 -2.41 -32.27 1.30
N CYS B 41 -1.27 -31.75 1.73
CA CYS B 41 0.02 -32.31 1.37
C CYS B 41 0.43 -33.47 2.28
N GLN B 42 -0.16 -33.52 3.46
CA GLN B 42 0.09 -34.62 4.39
C GLN B 42 1.54 -34.72 4.85
N PRO B 43 2.14 -33.60 5.26
CA PRO B 43 3.50 -33.77 5.75
C PRO B 43 3.42 -34.65 6.99
N ASP B 44 4.52 -35.26 7.39
CA ASP B 44 4.53 -36.05 8.62
C ASP B 44 4.80 -35.17 9.83
N HIS B 45 5.41 -34.02 9.59
CA HIS B 45 5.65 -33.05 10.63
C HIS B 45 5.63 -31.64 10.08
N ILE B 46 5.46 -30.67 10.98
CA ILE B 46 5.47 -29.26 10.62
C ILE B 46 6.55 -28.58 11.45
N HIS B 47 7.33 -27.71 10.81
CA HIS B 47 8.45 -27.05 11.46
C HIS B 47 8.38 -25.57 11.14
N ILE B 48 7.89 -24.77 12.08
CA ILE B 48 7.73 -23.35 11.84
C ILE B 48 9.05 -22.62 11.99
N CYS B 49 9.65 -22.23 10.88
CA CYS B 49 10.96 -21.57 10.93
C CYS B 49 10.95 -20.28 11.75
N ASP B 50 11.96 -20.12 12.61
CA ASP B 50 12.14 -18.89 13.37
C ASP B 50 13.36 -18.12 12.83
N GLY B 51 14.11 -18.78 11.94
CA GLY B 51 15.25 -18.16 11.29
C GLY B 51 16.44 -18.00 12.20
N SER B 52 16.36 -18.57 13.40
CA SER B 52 17.44 -18.52 14.38
C SER B 52 18.67 -19.16 13.79
N GLU B 53 19.84 -18.65 14.15
CA GLU B 53 21.07 -19.11 13.53
C GLU B 53 21.36 -20.55 13.94
N GLU B 54 20.73 -20.97 15.03
CA GLU B 54 20.79 -22.32 15.53
C GLU B 54 19.97 -23.21 14.61
N GLU B 55 18.84 -22.68 14.18
CA GLU B 55 17.97 -23.37 13.26
C GLU B 55 18.74 -23.64 11.99
N ASN B 56 19.47 -22.62 11.53
CA ASN B 56 20.25 -22.73 10.31
C ASN B 56 21.34 -23.78 10.43
N GLY B 57 21.88 -23.92 11.64
CA GLY B 57 22.89 -24.91 11.93
C GLY B 57 22.30 -26.29 12.01
N ARG B 58 21.11 -26.40 12.62
CA ARG B 58 20.42 -27.65 12.75
C ARG B 58 20.02 -28.22 11.39
N LEU B 59 19.80 -27.33 10.43
CA LEU B 59 19.38 -27.70 9.08
C LEU B 59 20.56 -28.00 8.17
N LEU B 60 21.64 -27.22 8.32
CA LEU B 60 22.87 -27.49 7.61
C LEU B 60 23.40 -28.87 7.97
N GLY B 61 23.18 -29.27 9.22
CA GLY B 61 23.66 -30.55 9.72
C GLY B 61 22.90 -31.76 9.21
N GLN B 62 21.57 -31.67 9.18
CA GLN B 62 20.76 -32.76 8.64
C GLN B 62 21.11 -32.92 7.17
N MET B 63 21.05 -31.81 6.45
CA MET B 63 21.38 -31.80 5.03
C MET B 63 22.77 -32.35 4.73
N GLU B 64 23.71 -32.18 5.65
CA GLU B 64 25.03 -32.76 5.48
C GLU B 64 25.00 -34.25 5.76
N GLU B 65 24.25 -34.64 6.80
CA GLU B 65 24.05 -36.03 7.14
C GLU B 65 23.12 -36.72 6.15
N GLU B 66 22.73 -35.99 5.10
CA GLU B 66 21.73 -36.49 4.17
C GLU B 66 22.34 -36.75 2.79
N GLY B 67 23.40 -36.01 2.47
CA GLY B 67 23.99 -36.07 1.15
C GLY B 67 23.58 -34.86 0.33
N ILE B 68 22.57 -34.16 0.86
CA ILE B 68 22.06 -32.93 0.27
C ILE B 68 23.16 -31.87 0.16
N LEU B 69 23.88 -31.67 1.26
CA LEU B 69 24.96 -30.69 1.30
C LEU B 69 26.26 -31.34 1.71
N ARG B 70 27.36 -30.77 1.25
CA ARG B 70 28.70 -31.17 1.71
C ARG B 70 29.54 -29.93 2.00
N ARG B 71 30.33 -29.98 3.07
CA ARG B 71 31.09 -28.83 3.52
C ARG B 71 32.25 -28.49 2.58
N LEU B 72 32.61 -27.21 2.55
CA LEU B 72 33.79 -26.77 1.80
C LEU B 72 34.82 -26.25 2.81
N LYS B 73 35.84 -27.07 3.05
CA LYS B 73 36.82 -26.84 4.12
C LYS B 73 37.81 -25.72 3.81
N LYS B 74 37.95 -25.38 2.53
CA LYS B 74 38.81 -24.28 2.15
C LYS B 74 38.20 -22.92 2.50
N TYR B 75 36.95 -22.95 2.97
CA TYR B 75 36.23 -21.72 3.26
C TYR B 75 35.57 -21.75 4.63
N ASP B 76 35.19 -20.57 5.12
CA ASP B 76 34.48 -20.48 6.40
C ASP B 76 33.00 -20.71 6.18
N ASN B 77 32.48 -21.77 6.81
CA ASN B 77 31.07 -22.14 6.69
C ASN B 77 30.48 -21.88 5.29
N CYS B 78 31.17 -22.37 4.27
CA CYS B 78 30.63 -22.40 2.92
C CYS B 78 30.23 -23.85 2.63
N TRP B 79 29.29 -24.04 1.70
CA TRP B 79 28.72 -25.37 1.46
C TRP B 79 28.42 -25.62 -0.02
N LEU B 80 28.31 -26.91 -0.37
CA LEU B 80 28.07 -27.30 -1.76
C LEU B 80 26.91 -28.27 -1.91
N ALA B 81 26.00 -27.93 -2.82
CA ALA B 81 24.89 -28.79 -3.18
C ALA B 81 25.02 -29.21 -4.63
N LEU B 82 24.75 -30.48 -4.91
CA LEU B 82 24.68 -30.97 -6.29
C LEU B 82 23.30 -31.55 -6.59
N THR B 83 22.73 -31.14 -7.72
CA THR B 83 21.37 -31.49 -8.08
C THR B 83 21.29 -32.60 -9.11
N ASP B 84 20.15 -33.28 -9.17
CA ASP B 84 19.81 -34.16 -10.27
C ASP B 84 19.97 -33.31 -11.52
N PRO B 85 20.66 -33.83 -12.56
CA PRO B 85 20.91 -33.02 -13.76
C PRO B 85 19.66 -32.82 -14.63
N ARG B 86 18.53 -33.35 -14.17
CA ARG B 86 17.24 -33.08 -14.80
C ARG B 86 16.63 -31.80 -14.19
N ASP B 87 17.16 -31.37 -13.05
CA ASP B 87 16.65 -30.21 -12.32
C ASP B 87 17.77 -29.23 -12.01
N VAL B 88 18.10 -28.37 -12.96
CA VAL B 88 19.25 -27.48 -12.79
C VAL B 88 18.97 -26.02 -13.15
N ALA B 89 17.71 -25.67 -13.38
CA ALA B 89 17.40 -24.30 -13.74
C ALA B 89 15.94 -23.90 -13.61
N ARG B 90 15.72 -22.60 -13.55
CA ARG B 90 14.42 -22.00 -13.80
C ARG B 90 13.95 -22.54 -15.15
N ILE B 91 12.64 -22.71 -15.31
CA ILE B 91 12.13 -23.29 -16.56
C ILE B 91 10.81 -22.64 -17.01
N GLU B 92 10.91 -21.74 -17.99
CA GLU B 92 9.72 -21.05 -18.48
C GLU B 92 8.65 -22.01 -18.96
N SER B 93 9.05 -23.09 -19.63
CA SER B 93 8.09 -24.00 -20.27
C SER B 93 7.21 -24.77 -19.27
N LYS B 94 7.49 -24.60 -17.97
CA LYS B 94 6.66 -25.22 -16.95
C LYS B 94 6.22 -24.19 -15.92
N THR B 95 6.21 -22.92 -16.36
CA THR B 95 5.84 -21.81 -15.52
C THR B 95 4.65 -21.11 -16.15
N VAL B 96 3.60 -20.89 -15.36
CA VAL B 96 2.40 -20.26 -15.89
C VAL B 96 1.82 -19.22 -14.94
N ILE B 97 0.91 -18.42 -15.48
CA ILE B 97 0.13 -17.50 -14.68
C ILE B 97 -1.34 -17.84 -14.92
N VAL B 98 -2.13 -17.84 -13.84
CA VAL B 98 -3.53 -18.27 -13.91
C VAL B 98 -4.46 -17.09 -13.57
N THR B 99 -5.19 -16.63 -14.58
CA THR B 99 -6.20 -15.60 -14.40
C THR B 99 -7.47 -16.08 -15.08
N GLN B 100 -8.58 -15.38 -14.88
CA GLN B 100 -9.85 -15.83 -15.42
C GLN B 100 -9.88 -15.65 -16.93
N GLU B 101 -9.41 -14.50 -17.39
CA GLU B 101 -9.32 -14.21 -18.81
C GLU B 101 -7.86 -14.23 -19.21
N GLN B 102 -7.57 -14.82 -20.38
CA GLN B 102 -6.20 -14.92 -20.85
C GLN B 102 -5.59 -13.56 -21.08
N ARG B 103 -6.40 -12.65 -21.58
CA ARG B 103 -5.92 -11.32 -21.95
C ARG B 103 -5.31 -10.54 -20.79
N ASP B 104 -5.71 -10.86 -19.56
CA ASP B 104 -5.18 -10.15 -18.40
C ASP B 104 -3.73 -10.54 -18.13
N THR B 105 -3.37 -11.76 -18.53
CA THR B 105 -2.03 -12.30 -18.33
C THR B 105 -1.09 -12.03 -19.51
N VAL B 106 -1.59 -12.24 -20.73
CA VAL B 106 -0.81 -12.01 -21.95
C VAL B 106 -1.62 -11.37 -23.06
N PRO B 107 -0.97 -10.52 -23.87
CA PRO B 107 -1.61 -9.96 -25.05
C PRO B 107 -1.80 -11.10 -26.04
N ILE B 108 -2.98 -11.21 -26.62
CA ILE B 108 -3.21 -12.26 -27.60
C ILE B 108 -2.43 -11.98 -28.90
N PRO B 109 -1.64 -12.98 -29.34
CA PRO B 109 -0.70 -12.78 -30.45
C PRO B 109 -1.44 -12.65 -31.78
N LYS B 110 -0.96 -11.77 -32.64
CA LYS B 110 -1.54 -11.65 -33.96
C LYS B 110 -1.49 -13.02 -34.62
N THR B 111 -0.33 -13.65 -34.58
CA THR B 111 -0.17 -15.02 -35.04
C THR B 111 0.51 -15.90 -34.01
N GLY B 112 0.04 -17.15 -33.88
CA GLY B 112 0.73 -18.16 -33.10
C GLY B 112 0.63 -18.08 -31.59
N LEU B 113 1.76 -18.25 -30.92
CA LEU B 113 1.82 -18.27 -29.46
C LEU B 113 2.51 -17.03 -28.91
N SER B 114 2.02 -16.53 -27.78
CA SER B 114 2.67 -15.40 -27.13
C SER B 114 4.04 -15.79 -26.61
N GLN B 115 4.93 -14.82 -26.56
CA GLN B 115 6.30 -15.05 -26.09
C GLN B 115 6.58 -14.17 -24.89
N LEU B 116 5.55 -13.49 -24.41
CA LEU B 116 5.72 -12.59 -23.28
C LEU B 116 4.94 -13.08 -22.08
N GLY B 117 4.52 -14.35 -22.13
CA GLY B 117 3.83 -14.98 -21.02
C GLY B 117 3.25 -16.34 -21.38
N ARG B 118 2.81 -17.07 -20.36
CA ARG B 118 2.16 -18.36 -20.55
C ARG B 118 0.95 -18.49 -19.63
N TRP B 119 -0.23 -18.51 -20.23
CA TRP B 119 -1.49 -18.50 -19.49
C TRP B 119 -2.05 -19.90 -19.33
N MET B 120 -2.71 -20.16 -18.19
CA MET B 120 -3.40 -21.42 -17.98
C MET B 120 -4.72 -21.19 -17.26
N SER B 121 -5.79 -21.74 -17.80
CA SER B 121 -7.12 -21.48 -17.27
C SER B 121 -7.23 -21.95 -15.84
N GLU B 122 -8.15 -21.34 -15.11
CA GLU B 122 -8.42 -21.76 -13.75
C GLU B 122 -8.88 -23.21 -13.69
N GLU B 123 -9.75 -23.59 -14.63
CA GLU B 123 -10.23 -24.96 -14.70
C GLU B 123 -9.07 -25.92 -14.95
N ASP B 124 -8.20 -25.56 -15.91
CA ASP B 124 -7.01 -26.34 -16.22
C ASP B 124 -6.07 -26.44 -15.02
N PHE B 125 -5.93 -25.35 -14.28
CA PHE B 125 -5.03 -25.37 -13.12
C PHE B 125 -5.53 -26.27 -12.00
N GLU B 126 -6.83 -26.17 -11.69
CA GLU B 126 -7.43 -27.01 -10.66
C GLU B 126 -7.08 -28.48 -10.85
N LYS B 127 -7.19 -28.96 -12.08
CA LYS B 127 -6.91 -30.37 -12.36
C LYS B 127 -5.41 -30.63 -12.33
N ALA B 128 -4.64 -29.67 -12.79
CA ALA B 128 -3.19 -29.74 -12.70
C ALA B 128 -2.78 -29.78 -11.22
N PHE B 129 -3.34 -28.86 -10.45
CA PHE B 129 -3.07 -28.78 -9.02
C PHE B 129 -3.50 -30.02 -8.24
N ASN B 130 -4.73 -30.49 -8.47
CA ASN B 130 -5.26 -31.64 -7.73
C ASN B 130 -4.61 -32.96 -8.13
N ALA B 131 -4.04 -32.98 -9.33
CA ALA B 131 -3.36 -34.16 -9.82
C ALA B 131 -1.94 -34.26 -9.27
N ARG B 132 -1.50 -33.23 -8.55
CA ARG B 132 -0.10 -33.11 -8.12
C ARG B 132 0.13 -33.05 -6.60
N PHE B 133 -0.53 -32.12 -5.92
CA PHE B 133 -0.21 -31.84 -4.52
C PHE B 133 -0.71 -32.80 -3.42
N PRO B 134 -1.87 -33.46 -3.63
CA PRO B 134 -2.37 -34.34 -2.56
C PRO B 134 -1.35 -35.38 -2.09
N GLY B 135 -1.01 -35.35 -0.81
CA GLY B 135 -0.08 -36.31 -0.22
C GLY B 135 1.38 -36.14 -0.62
N CYS B 136 1.69 -35.12 -1.39
CA CYS B 136 3.04 -34.95 -1.93
C CYS B 136 4.13 -34.82 -0.87
N MET B 137 3.74 -34.51 0.36
CA MET B 137 4.71 -34.34 1.45
C MET B 137 4.66 -35.49 2.45
N LYS B 138 4.00 -36.57 2.07
CA LYS B 138 3.94 -37.78 2.89
C LYS B 138 5.36 -38.26 3.16
N GLY B 139 5.63 -38.58 4.41
CA GLY B 139 6.96 -39.02 4.80
C GLY B 139 7.98 -37.89 4.83
N ARG B 140 7.53 -36.65 4.66
CA ARG B 140 8.43 -35.50 4.77
C ARG B 140 7.98 -34.50 5.83
N THR B 141 8.77 -33.43 5.98
CA THR B 141 8.51 -32.39 6.96
C THR B 141 8.19 -31.07 6.25
N MET B 142 7.03 -30.49 6.55
CA MET B 142 6.65 -29.22 5.96
C MET B 142 7.17 -28.04 6.76
N TYR B 143 8.07 -27.28 6.15
CA TYR B 143 8.63 -26.09 6.77
C TYR B 143 7.78 -24.88 6.42
N VAL B 144 7.55 -24.01 7.41
CA VAL B 144 6.80 -22.78 7.18
C VAL B 144 7.76 -21.60 7.24
N ILE B 145 7.98 -20.98 6.10
CA ILE B 145 8.96 -19.89 6.01
C ILE B 145 8.29 -18.52 6.02
N PRO B 146 8.28 -17.82 7.16
CA PRO B 146 7.80 -16.44 7.11
C PRO B 146 8.92 -15.58 6.56
N PHE B 147 8.71 -14.95 5.42
CA PHE B 147 9.74 -14.10 4.85
C PHE B 147 9.23 -12.73 4.39
N SER B 148 10.15 -11.76 4.39
CA SER B 148 9.87 -10.40 4.00
C SER B 148 10.72 -10.04 2.80
N MET B 149 10.10 -9.45 1.77
CA MET B 149 10.84 -8.93 0.64
C MET B 149 11.02 -7.42 0.82
N GLY B 150 12.27 -6.97 0.95
CA GLY B 150 12.56 -5.63 1.41
C GLY B 150 12.85 -5.71 2.90
N PRO B 151 13.41 -4.63 3.46
CA PRO B 151 13.75 -4.51 4.89
C PRO B 151 12.53 -4.57 5.82
N LEU B 152 12.76 -4.98 7.06
CA LEU B 152 11.66 -5.16 8.00
C LEU B 152 11.21 -3.85 8.66
N GLY B 153 10.07 -3.32 8.21
CA GLY B 153 9.57 -2.05 8.70
C GLY B 153 9.69 -0.98 7.64
N SER B 154 9.79 -1.42 6.39
CA SER B 154 9.80 -0.49 5.27
C SER B 154 8.43 -0.51 4.59
N PRO B 155 7.84 0.66 4.40
CA PRO B 155 6.58 0.78 3.67
C PRO B 155 6.66 0.21 2.26
N LEU B 156 7.87 0.00 1.74
CA LEU B 156 8.04 -0.58 0.41
C LEU B 156 8.04 -2.10 0.41
N SER B 157 8.13 -2.71 1.60
CA SER B 157 8.22 -4.16 1.71
C SER B 157 6.88 -4.88 1.62
N LYS B 158 6.96 -6.18 1.30
CA LYS B 158 5.81 -7.07 1.23
C LYS B 158 6.18 -8.37 1.94
N ILE B 159 5.19 -9.04 2.51
CA ILE B 159 5.45 -10.27 3.25
C ILE B 159 4.77 -11.47 2.60
N GLY B 160 5.45 -12.62 2.67
CA GLY B 160 4.87 -13.86 2.19
C GLY B 160 5.11 -14.95 3.22
N ILE B 161 4.44 -16.09 3.05
CA ILE B 161 4.70 -17.30 3.81
C ILE B 161 4.94 -18.41 2.81
N GLU B 162 6.09 -19.07 2.88
CA GLU B 162 6.31 -20.19 1.98
C GLU B 162 6.35 -21.52 2.72
N LEU B 163 5.47 -22.42 2.33
CA LEU B 163 5.49 -23.80 2.80
C LEU B 163 6.32 -24.62 1.83
N THR B 164 7.28 -25.39 2.36
CA THR B 164 8.17 -26.17 1.51
C THR B 164 8.54 -27.46 2.21
N ASP B 165 8.85 -28.50 1.43
CA ASP B 165 9.32 -29.75 2.01
C ASP B 165 10.82 -29.89 1.78
N SER B 166 11.51 -28.75 1.70
CA SER B 166 12.92 -28.74 1.33
C SER B 166 13.79 -27.83 2.20
N PRO B 167 14.68 -28.43 3.02
CA PRO B 167 15.63 -27.67 3.84
C PRO B 167 16.52 -26.79 2.97
N TYR B 168 16.86 -27.30 1.80
CA TYR B 168 17.69 -26.55 0.87
C TYR B 168 17.00 -25.23 0.51
N VAL B 169 15.68 -25.25 0.41
CA VAL B 169 14.91 -24.03 0.16
C VAL B 169 14.89 -23.12 1.39
N VAL B 170 14.65 -23.70 2.56
CA VAL B 170 14.69 -22.91 3.79
C VAL B 170 16.00 -22.11 3.93
N ALA B 171 17.13 -22.80 3.81
CA ALA B 171 18.43 -22.18 4.03
C ALA B 171 18.74 -21.13 2.97
N SER B 172 18.37 -21.44 1.73
CA SER B 172 18.60 -20.48 0.65
C SER B 172 17.71 -19.26 0.87
N MET B 173 16.53 -19.51 1.42
CA MET B 173 15.59 -18.45 1.73
C MET B 173 16.07 -17.57 2.90
N ARG B 174 16.75 -18.18 3.86
CA ARG B 174 17.27 -17.42 4.99
C ARG B 174 18.29 -16.40 4.51
N ILE B 175 18.91 -16.67 3.37
CA ILE B 175 19.95 -15.83 2.81
C ILE B 175 19.39 -14.82 1.82
N MET B 176 18.40 -15.27 1.04
CA MET B 176 17.85 -14.45 -0.04
C MET B 176 16.71 -13.55 0.41
N THR B 177 16.17 -13.81 1.60
CA THR B 177 15.07 -13.02 2.14
C THR B 177 15.28 -12.79 3.63
N ARG B 178 14.58 -11.83 4.22
CA ARG B 178 14.55 -11.75 5.69
C ARG B 178 13.52 -12.74 6.17
N MET B 179 13.93 -13.72 6.97
CA MET B 179 13.05 -14.82 7.34
C MET B 179 13.03 -15.05 8.86
N GLY B 180 11.89 -15.47 9.39
CA GLY B 180 11.82 -15.82 10.81
C GLY B 180 10.66 -15.25 11.63
N THR B 181 10.76 -15.42 12.95
CA THR B 181 9.74 -14.94 13.88
C THR B 181 9.47 -13.43 13.78
N PRO B 182 10.53 -12.62 13.65
CA PRO B 182 10.31 -11.18 13.53
C PRO B 182 9.38 -10.84 12.38
N VAL B 183 9.36 -11.68 11.35
CA VAL B 183 8.50 -11.43 10.20
C VAL B 183 7.04 -11.72 10.52
N LEU B 184 6.77 -12.76 11.29
CA LEU B 184 5.38 -13.03 11.71
C LEU B 184 4.88 -11.88 12.57
N GLU B 185 5.79 -11.26 13.32
CA GLU B 185 5.45 -10.14 14.20
C GLU B 185 5.08 -8.91 13.40
N ALA B 186 5.88 -8.61 12.39
CA ALA B 186 5.63 -7.48 11.50
C ALA B 186 4.35 -7.69 10.71
N LEU B 187 4.07 -8.94 10.37
CA LEU B 187 2.87 -9.26 9.60
C LEU B 187 1.60 -8.93 10.35
N GLY B 188 1.53 -9.29 11.63
CA GLY B 188 0.31 -9.10 12.41
C GLY B 188 -0.86 -9.82 11.77
N ASP B 189 -2.03 -9.18 11.74
CA ASP B 189 -3.19 -9.80 11.10
C ASP B 189 -3.30 -9.43 9.63
N GLY B 190 -2.19 -9.01 9.03
CA GLY B 190 -2.19 -8.50 7.66
C GLY B 190 -2.20 -9.51 6.53
N GLU B 191 -2.33 -9.02 5.30
CA GLU B 191 -2.30 -9.85 4.10
C GLU B 191 -0.89 -10.35 3.84
N PHE B 192 -0.77 -11.50 3.19
CA PHE B 192 0.52 -11.99 2.74
C PHE B 192 0.36 -12.76 1.43
N VAL B 193 1.47 -13.00 0.73
CA VAL B 193 1.43 -13.84 -0.45
C VAL B 193 1.56 -15.30 -0.02
N LYS B 194 0.54 -16.09 -0.28
CA LYS B 194 0.55 -17.51 0.04
C LYS B 194 1.45 -18.27 -0.94
N CYS B 195 2.57 -18.81 -0.47
CA CYS B 195 3.51 -19.56 -1.33
C CYS B 195 3.64 -21.03 -0.94
N LEU B 196 3.29 -21.91 -1.86
CA LEU B 196 3.31 -23.35 -1.59
C LEU B 196 4.27 -24.04 -2.52
N HIS B 197 5.12 -24.89 -1.96
CA HIS B 197 6.16 -25.55 -2.74
C HIS B 197 6.40 -26.98 -2.32
N SER B 198 6.71 -27.83 -3.28
CA SER B 198 7.02 -29.23 -3.03
C SER B 198 7.89 -29.79 -4.14
N VAL B 199 8.85 -30.63 -3.75
CA VAL B 199 9.72 -31.33 -4.69
C VAL B 199 8.97 -32.44 -5.43
N GLY B 200 7.81 -32.82 -4.90
CA GLY B 200 6.93 -33.77 -5.57
C GLY B 200 7.39 -35.21 -5.48
N CYS B 201 8.22 -35.50 -4.49
CA CYS B 201 8.72 -36.85 -4.25
C CYS B 201 8.32 -37.35 -2.88
N PRO B 202 7.01 -37.61 -2.65
CA PRO B 202 6.66 -38.13 -1.33
C PRO B 202 7.34 -39.46 -1.09
N LEU B 203 7.45 -39.86 0.16
CA LEU B 203 7.99 -41.18 0.49
C LEU B 203 6.84 -42.13 0.73
N PRO B 204 7.03 -43.41 0.35
CA PRO B 204 8.29 -43.96 -0.15
C PRO B 204 8.61 -43.47 -1.56
N LEU B 205 9.91 -43.39 -1.86
CA LEU B 205 10.38 -42.95 -3.16
C LEU B 205 9.95 -43.92 -4.26
N GLN B 206 9.29 -43.38 -5.28
CA GLN B 206 8.83 -44.20 -6.40
C GLN B 206 9.85 -44.19 -7.53
N LYS B 207 11.03 -43.60 -7.26
CA LYS B 207 12.17 -43.62 -8.17
C LYS B 207 13.46 -43.42 -7.39
N PRO B 208 14.55 -44.04 -7.86
CA PRO B 208 15.82 -43.84 -7.18
C PRO B 208 16.21 -42.37 -7.17
N LEU B 209 17.00 -41.98 -6.17
CA LEU B 209 17.34 -40.59 -5.97
C LEU B 209 18.72 -40.27 -6.54
N VAL B 210 18.76 -39.32 -7.48
CA VAL B 210 20.01 -38.85 -8.06
C VAL B 210 20.60 -37.78 -7.16
N ASN B 211 21.88 -37.93 -6.81
CA ASN B 211 22.55 -36.95 -5.95
C ASN B 211 21.77 -36.57 -4.68
N ASN B 212 20.92 -37.46 -4.21
CA ASN B 212 20.09 -37.19 -3.04
C ASN B 212 19.26 -35.91 -3.17
N TRP B 213 18.89 -35.59 -4.40
CA TRP B 213 18.21 -34.34 -4.75
C TRP B 213 16.82 -34.64 -5.33
N PRO B 214 15.79 -34.68 -4.46
CA PRO B 214 14.42 -34.99 -4.88
C PRO B 214 13.88 -33.97 -5.88
N CYS B 215 13.25 -34.49 -6.92
CA CYS B 215 12.65 -33.66 -7.96
C CYS B 215 11.71 -34.53 -8.78
N ASN B 216 10.81 -33.86 -9.48
CA ASN B 216 9.79 -34.52 -10.29
C ASN B 216 9.71 -33.74 -11.59
N PRO B 217 10.67 -33.99 -12.49
CA PRO B 217 10.87 -33.12 -13.67
C PRO B 217 9.69 -33.17 -14.63
N GLU B 218 9.05 -34.33 -14.76
CA GLU B 218 7.97 -34.52 -15.72
C GLU B 218 6.70 -33.77 -15.33
N LEU B 219 6.37 -33.78 -14.05
CA LEU B 219 5.16 -33.12 -13.57
C LEU B 219 5.47 -31.75 -13.00
N THR B 220 6.65 -31.23 -13.30
CA THR B 220 7.07 -29.92 -12.80
C THR B 220 6.11 -28.83 -13.26
N LEU B 221 5.73 -27.97 -12.34
CA LEU B 221 4.82 -26.87 -12.63
C LEU B 221 5.06 -25.72 -11.67
N ILE B 222 5.23 -24.51 -12.22
CA ILE B 222 5.32 -23.30 -11.38
C ILE B 222 4.23 -22.30 -11.79
N ALA B 223 3.25 -22.13 -10.91
CA ALA B 223 2.05 -21.36 -11.19
C ALA B 223 1.89 -20.11 -10.32
N HIS B 224 1.21 -19.10 -10.85
CA HIS B 224 0.91 -17.87 -10.11
C HIS B 224 -0.55 -17.51 -10.25
N LEU B 225 -1.21 -17.28 -9.14
CA LEU B 225 -2.60 -16.86 -9.17
C LEU B 225 -2.72 -15.47 -8.55
N PRO B 226 -2.51 -14.42 -9.36
CA PRO B 226 -2.35 -13.07 -8.82
C PRO B 226 -3.58 -12.60 -8.05
N ASP B 227 -4.75 -12.96 -8.56
CA ASP B 227 -6.03 -12.54 -7.98
C ASP B 227 -6.34 -13.22 -6.65
N ARG B 228 -5.54 -14.23 -6.31
CA ARG B 228 -5.67 -14.93 -5.05
C ARG B 228 -4.38 -14.81 -4.24
N ARG B 229 -3.47 -13.96 -4.70
CA ARG B 229 -2.16 -13.80 -4.07
C ARG B 229 -1.50 -15.15 -3.73
N GLU B 230 -1.55 -16.10 -4.65
CA GLU B 230 -0.96 -17.41 -4.44
C GLU B 230 0.12 -17.75 -5.47
N ILE B 231 1.22 -18.34 -4.99
CA ILE B 231 2.26 -18.89 -5.86
C ILE B 231 2.41 -20.37 -5.52
N ILE B 232 2.44 -21.22 -6.53
CA ILE B 232 2.43 -22.66 -6.30
C ILE B 232 3.43 -23.37 -7.19
N SER B 233 4.40 -24.05 -6.57
CA SER B 233 5.51 -24.67 -7.29
C SER B 233 5.66 -26.15 -6.93
N PHE B 234 5.93 -26.98 -7.93
CA PHE B 234 5.92 -28.43 -7.75
C PHE B 234 6.88 -29.09 -8.73
N GLY B 235 7.74 -29.97 -8.23
CA GLY B 235 8.57 -30.80 -9.08
C GLY B 235 10.04 -30.42 -9.12
N SER B 236 10.33 -29.15 -8.87
CA SER B 236 11.69 -28.64 -8.92
C SER B 236 12.13 -28.02 -7.60
N GLY B 237 13.37 -28.32 -7.20
CA GLY B 237 13.93 -27.77 -5.97
C GLY B 237 14.88 -26.63 -6.27
N TYR B 238 14.97 -26.26 -7.53
CA TYR B 238 16.03 -25.37 -7.99
C TYR B 238 15.64 -23.90 -8.14
N GLY B 239 16.48 -23.04 -7.57
CA GLY B 239 16.50 -21.61 -7.87
C GLY B 239 15.16 -20.92 -8.08
N GLY B 240 14.97 -20.36 -9.27
CA GLY B 240 13.78 -19.60 -9.59
C GLY B 240 12.49 -20.38 -9.38
N ASN B 241 12.60 -21.71 -9.37
CA ASN B 241 11.42 -22.56 -9.22
C ASN B 241 11.02 -22.80 -7.76
N SER B 242 11.98 -22.70 -6.84
CA SER B 242 11.71 -23.09 -5.46
C SER B 242 11.88 -21.95 -4.46
N LEU B 243 12.83 -21.06 -4.71
CA LEU B 243 12.97 -19.85 -3.90
C LEU B 243 11.92 -18.87 -4.42
N LEU B 244 10.71 -18.99 -3.87
CA LEU B 244 9.54 -18.35 -4.44
C LEU B 244 9.56 -16.82 -4.31
N GLY B 245 10.34 -16.31 -3.37
CA GLY B 245 10.47 -14.87 -3.21
C GLY B 245 11.16 -14.20 -4.40
N LYS B 246 12.01 -14.95 -5.08
CA LYS B 246 12.85 -14.38 -6.13
C LYS B 246 12.04 -13.93 -7.36
N LYS B 247 11.85 -14.85 -8.30
CA LYS B 247 11.16 -14.48 -9.54
C LYS B 247 9.64 -14.48 -9.38
N CYS B 248 9.11 -15.56 -8.80
CA CYS B 248 7.66 -15.70 -8.76
C CYS B 248 7.00 -14.54 -8.02
N PHE B 249 7.63 -14.11 -6.93
CA PHE B 249 7.13 -13.06 -6.05
C PHE B 249 7.67 -11.69 -6.47
N ALA B 250 8.98 -11.50 -6.34
CA ALA B 250 9.56 -10.18 -6.53
C ALA B 250 9.33 -9.58 -7.91
N LEU B 251 9.11 -10.44 -8.91
CA LEU B 251 8.82 -9.94 -10.25
C LEU B 251 7.39 -10.23 -10.72
N ARG B 252 7.02 -11.50 -10.84
CA ARG B 252 5.72 -11.83 -11.41
C ARG B 252 4.52 -11.34 -10.58
N MET B 253 4.46 -11.73 -9.31
CA MET B 253 3.37 -11.32 -8.44
C MET B 253 3.44 -9.82 -8.18
N ALA B 254 4.62 -9.36 -7.75
CA ALA B 254 4.86 -7.98 -7.40
C ALA B 254 4.60 -6.97 -8.51
N SER B 255 4.74 -7.38 -9.77
CA SER B 255 4.50 -6.46 -10.89
C SER B 255 3.01 -6.26 -11.10
N ARG B 256 2.22 -7.25 -10.73
CA ARG B 256 0.76 -7.13 -10.72
C ARG B 256 0.31 -6.22 -9.58
N LEU B 257 0.81 -6.51 -8.38
CA LEU B 257 0.56 -5.64 -7.25
C LEU B 257 0.91 -4.21 -7.64
N ALA B 258 2.14 -3.99 -8.06
CA ALA B 258 2.63 -2.68 -8.49
C ALA B 258 1.72 -1.99 -9.54
N LYS B 259 1.05 -2.78 -10.38
CA LYS B 259 0.11 -2.18 -11.33
C LYS B 259 -1.06 -1.60 -10.54
N GLU B 260 -1.65 -2.43 -9.68
CA GLU B 260 -2.76 -2.00 -8.86
C GLU B 260 -2.41 -0.80 -7.98
N GLU B 261 -1.17 -0.76 -7.49
CA GLU B 261 -0.79 0.14 -6.39
C GLU B 261 0.04 1.37 -6.76
N GLY B 262 0.30 1.59 -8.06
CA GLY B 262 0.97 2.80 -8.51
C GLY B 262 2.51 2.83 -8.51
N TRP B 263 3.14 1.67 -8.55
CA TRP B 263 4.60 1.60 -8.49
C TRP B 263 5.18 0.57 -9.47
N LEU B 264 6.46 0.23 -9.31
CA LEU B 264 7.15 -0.61 -10.29
C LEU B 264 7.96 -1.75 -9.68
N ALA B 265 7.69 -2.97 -10.14
CA ALA B 265 8.44 -4.15 -9.73
C ALA B 265 9.30 -4.55 -10.92
N GLU B 266 10.61 -4.45 -10.75
CA GLU B 266 11.51 -4.53 -11.89
C GLU B 266 12.71 -5.45 -11.73
N HIS B 267 13.12 -6.03 -12.86
CA HIS B 267 14.34 -6.83 -12.97
C HIS B 267 15.47 -5.84 -13.29
N MET B 268 16.07 -5.29 -12.24
CA MET B 268 17.06 -4.21 -12.38
C MET B 268 18.04 -4.23 -11.22
N LEU B 269 19.30 -3.93 -11.48
CA LEU B 269 20.26 -3.73 -10.40
C LEU B 269 20.14 -2.30 -9.84
N VAL B 270 20.65 -2.10 -8.63
CA VAL B 270 20.65 -0.78 -8.00
C VAL B 270 22.01 -0.47 -7.43
N LEU B 271 22.66 0.58 -7.92
CA LEU B 271 23.96 0.94 -7.36
C LEU B 271 24.08 2.41 -6.95
N GLY B 272 24.89 2.66 -5.93
CA GLY B 272 25.18 3.99 -5.42
C GLY B 272 26.56 4.46 -5.83
N ILE B 273 26.60 5.44 -6.70
CA ILE B 273 27.86 5.91 -7.26
C ILE B 273 28.20 7.33 -6.84
N THR B 274 29.03 7.46 -5.80
CA THR B 274 29.55 8.77 -5.39
C THR B 274 30.48 9.30 -6.48
N ASN B 275 31.31 10.28 -6.16
CA ASN B 275 32.28 10.81 -7.13
C ASN B 275 33.43 11.57 -6.46
N PRO B 276 34.26 12.28 -7.26
CA PRO B 276 35.41 13.00 -6.69
C PRO B 276 35.08 13.85 -5.48
N GLU B 277 34.13 14.77 -5.64
CA GLU B 277 33.82 15.76 -4.61
C GLU B 277 32.92 15.24 -3.49
N GLY B 278 32.64 13.94 -3.49
CA GLY B 278 31.85 13.33 -2.43
C GLY B 278 30.36 13.22 -2.71
N GLU B 279 29.92 13.80 -3.84
CA GLU B 279 28.52 13.76 -4.24
C GLU B 279 28.11 12.37 -4.72
N LYS B 280 26.97 11.88 -4.23
CA LYS B 280 26.50 10.52 -4.55
C LYS B 280 25.18 10.48 -5.30
N LYS B 281 24.98 9.42 -6.08
CA LYS B 281 23.71 9.20 -6.80
C LYS B 281 23.34 7.72 -6.86
N TYR B 282 22.12 7.43 -7.34
CA TYR B 282 21.65 6.05 -7.47
C TYR B 282 21.09 5.78 -8.85
N LEU B 283 21.49 4.65 -9.43
CA LEU B 283 21.06 4.28 -10.78
C LEU B 283 20.54 2.86 -10.78
N ALA B 284 19.56 2.59 -11.63
CA ALA B 284 19.03 1.25 -11.78
C ALA B 284 19.13 0.80 -13.23
N ALA B 285 19.57 -0.43 -13.45
CA ALA B 285 19.77 -0.93 -14.81
C ALA B 285 19.17 -2.32 -15.04
N ALA B 286 18.48 -2.48 -16.16
CA ALA B 286 17.85 -3.74 -16.51
C ALA B 286 18.47 -4.31 -17.77
N PHE B 287 19.45 -5.21 -17.61
CA PHE B 287 20.03 -5.89 -18.76
C PHE B 287 19.37 -7.24 -18.97
N PRO B 288 19.37 -7.73 -20.20
CA PRO B 288 19.01 -9.12 -20.48
C PRO B 288 20.17 -10.05 -20.11
N SER B 289 20.11 -11.29 -20.61
CA SER B 289 21.06 -12.33 -20.22
C SER B 289 22.40 -12.27 -20.95
N ALA B 290 23.41 -12.89 -20.35
CA ALA B 290 24.77 -12.90 -20.90
C ALA B 290 25.18 -11.49 -21.27
N CYS B 291 25.30 -10.63 -20.27
CA CYS B 291 25.40 -9.21 -20.54
C CYS B 291 26.30 -8.48 -19.54
N GLY B 292 26.73 -9.19 -18.51
CA GLY B 292 27.59 -8.60 -17.50
C GLY B 292 26.85 -7.94 -16.35
N LYS B 293 25.52 -8.06 -16.34
CA LYS B 293 24.65 -7.45 -15.32
C LYS B 293 25.32 -7.30 -13.95
N THR B 294 25.78 -8.42 -13.39
CA THR B 294 26.31 -8.43 -12.04
C THR B 294 27.70 -7.82 -11.90
N ASN B 295 28.53 -7.94 -12.93
CA ASN B 295 29.84 -7.32 -12.90
C ASN B 295 29.73 -5.84 -12.56
N LEU B 296 28.74 -5.21 -13.18
CA LEU B 296 28.46 -3.79 -12.99
C LEU B 296 28.10 -3.49 -11.55
N ALA B 297 27.20 -4.29 -10.99
CA ALA B 297 26.68 -4.06 -9.64
C ALA B 297 27.78 -4.05 -8.58
N MET B 298 28.86 -4.77 -8.84
CA MET B 298 29.97 -4.82 -7.88
C MET B 298 31.25 -4.26 -8.51
N MET B 299 31.06 -3.40 -9.51
CA MET B 299 32.18 -2.82 -10.27
C MET B 299 33.13 -1.99 -9.41
N ASN B 300 34.38 -2.45 -9.33
CA ASN B 300 35.46 -1.61 -8.84
C ASN B 300 35.73 -0.59 -9.94
N PRO B 301 35.36 0.69 -9.69
CA PRO B 301 35.48 1.74 -10.71
C PRO B 301 36.95 2.03 -11.02
N SER B 302 37.25 2.24 -12.29
CA SER B 302 38.63 2.51 -12.70
C SER B 302 39.07 3.88 -12.21
N LEU B 303 38.23 4.89 -12.44
CA LEU B 303 38.58 6.28 -12.20
C LEU B 303 39.03 6.57 -10.77
N PRO B 304 39.78 7.67 -10.58
CA PRO B 304 40.35 8.02 -9.28
C PRO B 304 39.32 8.76 -8.44
N GLY B 305 39.33 8.52 -7.12
CA GLY B 305 38.41 9.18 -6.22
C GLY B 305 36.95 8.92 -6.51
N TRP B 306 36.67 7.79 -7.15
CA TRP B 306 35.31 7.42 -7.52
C TRP B 306 34.80 6.22 -6.75
N LYS B 307 33.54 6.29 -6.33
CA LYS B 307 32.99 5.30 -5.44
C LYS B 307 31.78 4.62 -6.05
N VAL B 308 31.86 3.30 -6.24
CA VAL B 308 30.67 2.53 -6.59
C VAL B 308 30.22 1.65 -5.43
N GLU B 309 28.93 1.68 -5.15
CA GLU B 309 28.34 0.88 -4.09
C GLU B 309 27.17 0.05 -4.63
N CYS B 310 26.96 -1.14 -4.05
CA CYS B 310 25.92 -2.04 -4.52
C CYS B 310 24.74 -2.10 -3.56
N VAL B 311 23.56 -1.82 -4.09
CA VAL B 311 22.31 -1.91 -3.33
C VAL B 311 21.62 -3.23 -3.64
N GLY B 312 21.60 -3.60 -4.92
CA GLY B 312 21.02 -4.85 -5.37
C GLY B 312 21.54 -5.20 -6.75
N ASP B 313 21.39 -6.45 -7.16
CA ASP B 313 21.96 -6.88 -8.43
C ASP B 313 20.98 -7.63 -9.34
N ASP B 314 19.70 -7.66 -8.96
CA ASP B 314 18.72 -8.43 -9.72
C ASP B 314 17.33 -7.80 -9.75
N ILE B 315 16.83 -7.42 -8.59
CA ILE B 315 15.46 -6.93 -8.50
C ILE B 315 15.33 -5.62 -7.74
N ALA B 316 14.60 -4.67 -8.31
CA ALA B 316 14.34 -3.40 -7.66
C ALA B 316 12.86 -3.05 -7.72
N TRP B 317 12.30 -2.72 -6.56
CA TRP B 317 10.94 -2.20 -6.45
C TRP B 317 10.98 -0.69 -6.28
N MET B 318 10.26 0.03 -7.12
CA MET B 318 10.34 1.48 -7.13
C MET B 318 8.98 2.12 -6.95
N LYS B 319 8.80 2.85 -5.85
CA LYS B 319 7.57 3.60 -5.60
C LYS B 319 7.91 5.03 -5.21
N PHE B 320 7.11 5.97 -5.70
CA PHE B 320 7.34 7.37 -5.35
C PHE B 320 7.14 7.62 -3.86
N ASP B 321 7.96 8.51 -3.31
CA ASP B 321 7.81 8.89 -1.92
C ASP B 321 6.93 10.12 -1.85
N ALA B 322 6.81 10.73 -0.67
CA ALA B 322 5.93 11.88 -0.49
C ALA B 322 6.35 13.11 -1.32
N GLN B 323 7.65 13.22 -1.62
CA GLN B 323 8.16 14.39 -2.34
C GLN B 323 8.32 14.18 -3.85
N GLY B 324 7.96 13.00 -4.33
CA GLY B 324 8.03 12.73 -5.76
C GLY B 324 9.35 12.09 -6.19
N HIS B 325 10.16 11.68 -5.22
CA HIS B 325 11.37 10.92 -5.51
C HIS B 325 11.01 9.46 -5.75
N LEU B 326 11.43 8.91 -6.90
CA LEU B 326 11.23 7.48 -7.12
C LEU B 326 12.19 6.67 -6.24
N ARG B 327 11.70 6.23 -5.09
CA ARG B 327 12.53 5.47 -4.18
C ARG B 327 12.56 4.00 -4.59
N ALA B 328 13.75 3.41 -4.51
CA ALA B 328 13.91 2.00 -4.82
C ALA B 328 14.44 1.29 -3.59
N ILE B 329 14.02 0.05 -3.38
CA ILE B 329 14.63 -0.81 -2.39
C ILE B 329 15.11 -2.06 -3.10
N ASN B 330 15.92 -2.84 -2.41
CA ASN B 330 16.26 -4.18 -2.87
C ASN B 330 15.40 -5.15 -2.11
N PRO B 331 14.37 -5.72 -2.77
CA PRO B 331 13.48 -6.64 -2.09
C PRO B 331 14.20 -7.92 -1.66
N GLU B 332 15.49 -8.05 -1.98
CA GLU B 332 16.23 -9.27 -1.60
C GLU B 332 17.18 -9.05 -0.43
N ASN B 333 17.57 -10.15 0.22
CA ASN B 333 18.51 -10.09 1.33
C ASN B 333 19.92 -10.51 0.93
N GLY B 334 20.02 -11.21 -0.18
CA GLY B 334 21.30 -11.72 -0.64
C GLY B 334 21.44 -11.81 -2.15
N PHE B 335 22.49 -12.50 -2.57
CA PHE B 335 22.83 -12.66 -3.99
C PHE B 335 22.74 -14.12 -4.41
N PHE B 336 22.19 -14.36 -5.59
CA PHE B 336 22.04 -15.72 -6.12
C PHE B 336 22.62 -15.73 -7.54
N GLY B 337 23.92 -15.45 -7.65
CA GLY B 337 24.53 -15.22 -8.94
C GLY B 337 25.02 -16.47 -9.66
N VAL B 338 25.12 -16.38 -10.98
CA VAL B 338 25.68 -17.47 -11.77
C VAL B 338 27.19 -17.54 -11.57
N ALA B 339 27.64 -18.59 -10.88
CA ALA B 339 29.06 -18.76 -10.57
C ALA B 339 29.98 -18.74 -11.80
N PRO B 340 29.75 -19.66 -12.76
CA PRO B 340 30.59 -19.74 -13.97
C PRO B 340 30.88 -18.39 -14.62
N GLY B 341 32.15 -18.01 -14.69
CA GLY B 341 32.55 -16.75 -15.29
C GLY B 341 32.98 -15.72 -14.27
N THR B 342 32.89 -16.07 -12.99
CA THR B 342 33.21 -15.14 -11.91
C THR B 342 34.67 -15.26 -11.45
N SER B 343 35.49 -14.33 -11.90
CA SER B 343 36.92 -14.34 -11.57
C SER B 343 37.29 -13.14 -10.69
N VAL B 344 38.50 -13.17 -10.14
CA VAL B 344 38.97 -12.04 -9.36
C VAL B 344 39.10 -10.85 -10.28
N LYS B 345 39.31 -11.12 -11.56
CA LYS B 345 39.32 -10.08 -12.58
C LYS B 345 37.92 -9.51 -12.81
N THR B 346 37.01 -10.35 -13.31
CA THR B 346 35.68 -9.90 -13.74
C THR B 346 34.77 -9.40 -12.61
N ASN B 347 34.87 -10.01 -11.42
CA ASN B 347 34.10 -9.53 -10.28
C ASN B 347 34.84 -9.64 -8.95
N PRO B 348 35.70 -8.67 -8.66
CA PRO B 348 36.60 -8.61 -7.52
C PRO B 348 35.84 -8.76 -6.21
N ASN B 349 34.74 -8.02 -6.09
CA ASN B 349 33.97 -8.02 -4.86
C ASN B 349 33.12 -9.27 -4.68
N ALA B 350 32.61 -9.80 -5.79
CA ALA B 350 31.87 -11.06 -5.75
C ALA B 350 32.73 -12.17 -5.17
N ILE B 351 34.01 -12.19 -5.55
CA ILE B 351 34.94 -13.18 -5.03
C ILE B 351 35.11 -12.98 -3.53
N LYS B 352 35.27 -11.73 -3.11
CA LYS B 352 35.38 -11.43 -1.69
C LYS B 352 34.12 -11.78 -0.88
N THR B 353 32.94 -11.54 -1.47
CA THR B 353 31.67 -11.77 -0.78
C THR B 353 31.35 -13.23 -0.54
N ILE B 354 31.77 -14.09 -1.46
CA ILE B 354 31.39 -15.51 -1.44
C ILE B 354 32.35 -16.39 -0.63
N GLN B 355 33.11 -15.78 0.26
CA GLN B 355 34.16 -16.51 0.97
C GLN B 355 33.70 -17.09 2.31
N LYS B 356 32.56 -16.61 2.81
CA LYS B 356 31.98 -17.14 4.04
C LYS B 356 30.48 -17.36 3.94
N ASN B 357 29.95 -18.22 4.82
CA ASN B 357 28.52 -18.47 4.94
C ASN B 357 27.76 -18.44 3.61
N THR B 358 28.27 -19.19 2.65
CA THR B 358 27.74 -19.18 1.29
C THR B 358 27.40 -20.60 0.83
N ILE B 359 26.30 -20.72 0.10
CA ILE B 359 25.89 -22.01 -0.47
C ILE B 359 26.01 -21.99 -1.98
N PHE B 360 26.86 -22.87 -2.50
CA PHE B 360 27.01 -23.02 -3.94
C PHE B 360 26.22 -24.23 -4.39
N THR B 361 25.74 -24.19 -5.63
CA THR B 361 25.05 -25.34 -6.19
C THR B 361 25.56 -25.65 -7.60
N ASN B 362 25.89 -26.92 -7.84
CA ASN B 362 26.32 -27.37 -9.16
C ASN B 362 27.67 -26.83 -9.65
N VAL B 363 28.59 -26.55 -8.73
CA VAL B 363 29.95 -26.13 -9.12
C VAL B 363 30.98 -27.24 -8.92
N ALA B 364 32.19 -27.03 -9.43
CA ALA B 364 33.27 -28.00 -9.28
C ALA B 364 33.99 -27.81 -7.94
N GLU B 365 34.60 -28.88 -7.44
CA GLU B 365 35.27 -28.82 -6.15
C GLU B 365 36.71 -29.36 -6.15
N THR B 366 37.65 -28.51 -5.78
CA THR B 366 39.06 -28.88 -5.72
C THR B 366 39.34 -29.82 -4.54
N SER B 367 40.45 -30.55 -4.61
CA SER B 367 40.81 -31.53 -3.59
C SER B 367 41.14 -30.86 -2.25
N ASP B 368 41.49 -29.58 -2.29
CA ASP B 368 41.71 -28.83 -1.04
C ASP B 368 40.42 -28.16 -0.57
N GLY B 369 39.29 -28.59 -1.11
CA GLY B 369 37.98 -28.19 -0.65
C GLY B 369 37.51 -26.81 -1.06
N GLY B 370 37.94 -26.35 -2.23
CA GLY B 370 37.52 -25.06 -2.76
C GLY B 370 36.56 -25.22 -3.93
N VAL B 371 36.19 -24.11 -4.55
CA VAL B 371 35.26 -24.14 -5.68
C VAL B 371 35.91 -23.77 -7.01
N TYR B 372 35.39 -24.35 -8.09
CA TYR B 372 35.98 -24.15 -9.41
C TYR B 372 34.92 -24.06 -10.50
N TRP B 373 35.22 -23.29 -11.54
CA TRP B 373 34.32 -23.16 -12.67
C TRP B 373 35.02 -22.47 -13.84
N GLU B 374 34.42 -22.60 -15.02
CA GLU B 374 34.90 -21.92 -16.21
C GLU B 374 35.01 -20.42 -15.96
N GLY B 375 36.05 -19.80 -16.50
CA GLY B 375 36.25 -18.37 -16.39
C GLY B 375 36.54 -17.91 -14.97
N ILE B 376 36.95 -18.84 -14.10
CA ILE B 376 37.33 -18.49 -12.74
C ILE B 376 38.71 -17.82 -12.75
N ASP B 377 39.43 -17.96 -13.86
CA ASP B 377 40.73 -17.33 -14.04
C ASP B 377 41.59 -17.41 -12.78
N GLU B 378 41.89 -18.64 -12.35
CA GLU B 378 42.68 -18.83 -11.14
C GLU B 378 43.33 -20.21 -11.15
N PRO B 379 44.56 -20.29 -11.66
CA PRO B 379 45.30 -21.55 -11.70
C PRO B 379 45.45 -22.12 -10.30
N LEU B 380 45.08 -23.38 -10.13
CA LEU B 380 45.26 -24.06 -8.86
C LEU B 380 46.63 -24.71 -8.85
N ALA B 381 47.12 -25.05 -7.67
CA ALA B 381 48.40 -25.71 -7.53
C ALA B 381 48.46 -27.00 -8.34
N SER B 382 49.65 -27.58 -8.44
CA SER B 382 49.80 -28.94 -8.94
C SER B 382 49.52 -29.89 -7.78
N GLY B 383 49.03 -31.08 -8.11
CA GLY B 383 48.60 -32.01 -7.08
C GLY B 383 47.19 -31.73 -6.61
N VAL B 384 46.63 -30.61 -7.07
CA VAL B 384 45.25 -30.25 -6.75
C VAL B 384 44.30 -30.66 -7.88
N THR B 385 43.30 -31.47 -7.53
CA THR B 385 42.40 -32.05 -8.54
C THR B 385 40.94 -31.56 -8.43
N ILE B 386 40.16 -31.82 -9.47
CA ILE B 386 38.82 -31.26 -9.60
C ILE B 386 37.73 -32.31 -9.75
N THR B 387 36.78 -32.31 -8.81
CA THR B 387 35.56 -33.09 -8.94
C THR B 387 34.49 -32.21 -9.61
N SER B 388 33.88 -32.71 -10.67
CA SER B 388 32.87 -31.91 -11.39
C SER B 388 31.53 -31.93 -10.67
N TRP B 389 30.59 -31.14 -11.18
CA TRP B 389 29.26 -31.00 -10.56
C TRP B 389 28.44 -32.29 -10.65
N LYS B 390 28.82 -33.18 -11.56
CA LYS B 390 28.20 -34.50 -11.65
C LYS B 390 28.87 -35.45 -10.66
N ASN B 391 29.83 -34.92 -9.91
CA ASN B 391 30.51 -35.67 -8.85
C ASN B 391 31.41 -36.77 -9.39
N LYS B 392 32.32 -36.43 -10.28
CA LYS B 392 33.30 -37.38 -10.80
C LYS B 392 34.65 -36.69 -11.01
N GLU B 393 35.72 -37.48 -11.08
CA GLU B 393 37.03 -36.90 -11.38
C GLU B 393 36.98 -36.15 -12.70
N TRP B 394 37.58 -34.97 -12.72
CA TRP B 394 37.45 -34.09 -13.87
C TRP B 394 38.76 -33.53 -14.39
N SER B 395 38.92 -33.61 -15.71
CA SER B 395 40.03 -32.98 -16.41
C SER B 395 39.45 -32.08 -17.51
N SER B 396 40.25 -31.12 -17.97
CA SER B 396 39.82 -30.27 -19.07
C SER B 396 39.58 -31.11 -20.32
N GLU B 397 40.35 -32.18 -20.45
CA GLU B 397 40.36 -33.00 -21.67
C GLU B 397 39.01 -33.64 -21.99
N ASP B 398 38.23 -33.98 -20.96
CA ASP B 398 36.93 -34.61 -21.15
C ASP B 398 35.87 -33.64 -21.69
N GLY B 399 36.35 -32.60 -22.37
CA GLY B 399 35.53 -31.66 -23.12
C GLY B 399 34.14 -31.37 -22.58
N GLU B 400 34.05 -31.10 -21.29
CA GLU B 400 32.78 -30.69 -20.68
C GLU B 400 33.04 -29.91 -19.40
N PRO B 401 32.26 -28.84 -19.18
CA PRO B 401 32.39 -27.96 -18.02
C PRO B 401 32.40 -28.72 -16.70
N CYS B 402 33.32 -28.34 -15.81
CA CYS B 402 33.40 -28.90 -14.47
C CYS B 402 32.28 -28.33 -13.60
N ALA B 403 31.79 -27.16 -13.99
CA ALA B 403 30.64 -26.52 -13.35
C ALA B 403 29.51 -26.39 -14.36
N HIS B 404 28.28 -26.65 -13.94
CA HIS B 404 27.14 -26.45 -14.83
C HIS B 404 27.03 -24.98 -15.19
N PRO B 405 26.71 -24.68 -16.46
CA PRO B 405 26.58 -23.33 -17.00
C PRO B 405 25.63 -22.45 -16.18
N ASN B 406 24.74 -23.09 -15.43
CA ASN B 406 23.74 -22.37 -14.65
C ASN B 406 23.94 -22.55 -13.14
N SER B 407 25.13 -23.01 -12.76
CA SER B 407 25.46 -23.20 -11.35
C SER B 407 25.62 -21.86 -10.63
N ARG B 408 25.49 -21.88 -9.30
CA ARG B 408 25.23 -20.66 -8.55
C ARG B 408 25.96 -20.59 -7.21
N PHE B 409 26.17 -19.35 -6.76
CA PHE B 409 26.43 -19.07 -5.36
C PHE B 409 25.21 -18.34 -4.78
N CYS B 410 24.84 -18.68 -3.55
CA CYS B 410 23.75 -18.01 -2.86
C CYS B 410 24.30 -17.46 -1.55
N THR B 411 24.56 -16.16 -1.52
CA THR B 411 25.34 -15.58 -0.45
C THR B 411 24.73 -14.29 0.11
N PRO B 412 24.95 -14.03 1.41
CA PRO B 412 24.50 -12.83 2.13
C PRO B 412 24.99 -11.55 1.47
N ALA B 413 24.07 -10.65 1.16
CA ALA B 413 24.43 -9.36 0.56
C ALA B 413 25.20 -8.48 1.53
N SER B 414 25.15 -8.82 2.81
CA SER B 414 25.74 -7.99 3.86
C SER B 414 27.23 -8.27 3.99
N GLN B 415 27.69 -9.34 3.36
CA GLN B 415 29.11 -9.66 3.35
C GLN B 415 29.81 -9.00 2.18
N CYS B 416 29.04 -8.45 1.26
CA CYS B 416 29.62 -7.75 0.12
C CYS B 416 30.36 -6.50 0.60
N PRO B 417 31.65 -6.40 0.26
CA PRO B 417 32.53 -5.30 0.62
C PRO B 417 31.94 -3.94 0.25
N ILE B 418 31.46 -3.80 -0.97
CA ILE B 418 30.94 -2.52 -1.44
C ILE B 418 29.45 -2.34 -1.21
N ILE B 419 28.91 -3.01 -0.20
CA ILE B 419 27.47 -2.88 0.10
C ILE B 419 27.11 -1.48 0.60
N ASP B 420 26.22 -0.83 -0.12
CA ASP B 420 25.75 0.53 0.18
C ASP B 420 25.44 0.77 1.66
N ALA B 421 25.44 2.04 2.05
CA ALA B 421 25.10 2.45 3.41
C ALA B 421 23.64 2.11 3.71
N ALA B 422 22.78 2.34 2.72
CA ALA B 422 21.34 2.28 2.93
C ALA B 422 20.68 1.15 2.15
N TRP B 423 21.45 0.14 1.77
CA TRP B 423 20.92 -0.95 0.97
C TRP B 423 19.77 -1.63 1.71
N GLU B 424 19.75 -1.46 3.03
CA GLU B 424 18.71 -2.05 3.88
C GLU B 424 17.95 -0.96 4.65
N SER B 425 17.95 0.25 4.13
CA SER B 425 17.27 1.34 4.81
C SER B 425 15.84 1.50 4.27
N PRO B 426 14.86 1.50 5.18
CA PRO B 426 13.43 1.31 4.88
C PRO B 426 12.89 2.35 3.92
N GLU B 427 13.41 3.56 4.01
CA GLU B 427 12.95 4.67 3.17
C GLU B 427 13.20 4.45 1.67
N GLY B 428 14.14 3.57 1.34
CA GLY B 428 14.49 3.37 -0.06
C GLY B 428 15.43 4.46 -0.55
N VAL B 429 16.19 4.16 -1.59
CA VAL B 429 17.22 5.08 -2.07
C VAL B 429 16.74 5.89 -3.27
N PRO B 430 17.14 7.17 -3.32
CA PRO B 430 16.65 8.09 -4.36
C PRO B 430 17.21 7.69 -5.72
N ILE B 431 16.40 7.04 -6.55
CA ILE B 431 16.82 6.70 -7.91
C ILE B 431 16.73 7.92 -8.81
N GLU B 432 17.79 8.22 -9.55
CA GLU B 432 17.71 9.29 -10.55
C GLU B 432 18.34 8.93 -11.86
N GLY B 433 18.11 7.70 -12.31
CA GLY B 433 18.65 7.25 -13.57
C GLY B 433 18.35 5.78 -13.82
N ILE B 434 17.64 5.51 -14.92
CA ILE B 434 17.24 4.15 -15.29
C ILE B 434 17.96 3.70 -16.58
N ILE B 435 18.91 2.78 -16.41
CA ILE B 435 19.81 2.36 -17.48
C ILE B 435 19.39 1.06 -18.15
N PHE B 436 18.85 1.15 -19.36
CA PHE B 436 18.47 -0.04 -20.12
C PHE B 436 19.62 -0.56 -20.99
N GLY B 437 19.28 -1.07 -22.16
CA GLY B 437 20.28 -1.55 -23.11
C GLY B 437 20.46 -3.06 -23.19
N GLY B 438 21.68 -3.48 -23.54
CA GLY B 438 21.99 -4.89 -23.70
C GLY B 438 23.34 -5.15 -24.37
N ARG B 439 23.37 -6.19 -25.21
CA ARG B 439 24.59 -6.57 -25.92
C ARG B 439 24.37 -6.62 -27.44
N ARG B 440 24.95 -5.65 -28.14
CA ARG B 440 24.84 -5.60 -29.59
C ARG B 440 26.21 -5.67 -30.27
N PRO B 441 26.40 -6.67 -31.12
CA PRO B 441 27.65 -6.87 -31.86
C PRO B 441 28.13 -5.56 -32.48
N ALA B 442 27.28 -4.91 -33.26
CA ALA B 442 27.67 -3.66 -33.91
C ALA B 442 26.56 -2.62 -33.90
N GLY B 443 26.88 -1.42 -34.37
CA GLY B 443 25.88 -0.39 -34.64
C GLY B 443 25.33 0.36 -33.43
N VAL B 444 24.83 -0.39 -32.44
CA VAL B 444 24.25 0.23 -31.25
C VAL B 444 25.32 0.88 -30.39
N PRO B 445 25.29 2.21 -30.29
CA PRO B 445 26.28 3.04 -29.60
C PRO B 445 26.53 2.64 -28.15
N LEU B 446 27.73 2.87 -27.66
CA LEU B 446 28.10 2.53 -26.29
C LEU B 446 27.16 3.11 -25.23
N VAL B 447 26.59 4.30 -25.47
CA VAL B 447 25.70 4.93 -24.50
C VAL B 447 24.93 6.13 -25.04
N TYR B 448 23.68 6.28 -24.61
CA TYR B 448 22.88 7.44 -25.01
C TYR B 448 21.64 7.69 -24.12
N GLU B 449 21.05 8.88 -24.27
CA GLU B 449 19.92 9.31 -23.43
C GLU B 449 18.58 9.37 -24.20
N ALA B 450 17.48 9.42 -23.47
CA ALA B 450 16.15 9.44 -24.09
C ALA B 450 15.61 10.85 -24.29
N LEU B 451 14.81 11.00 -25.35
CA LEU B 451 14.03 12.21 -25.61
C LEU B 451 13.24 12.60 -24.37
N SER B 452 12.09 11.94 -24.25
CA SER B 452 11.11 12.22 -23.22
C SER B 452 11.08 11.11 -22.17
N TRP B 453 9.87 10.76 -21.75
CA TRP B 453 9.66 9.62 -20.89
C TRP B 453 8.95 8.59 -21.73
N GLN B 454 7.94 9.05 -22.45
CA GLN B 454 7.23 8.22 -23.41
C GLN B 454 8.26 7.60 -24.34
N HIS B 455 9.47 8.15 -24.33
CA HIS B 455 10.57 7.60 -25.11
C HIS B 455 11.32 6.51 -24.36
N GLY B 456 11.90 6.88 -23.21
CA GLY B 456 12.57 5.92 -22.36
C GLY B 456 11.74 4.65 -22.22
N VAL B 457 10.42 4.83 -22.18
CA VAL B 457 9.50 3.70 -22.15
C VAL B 457 9.62 2.88 -23.44
N PHE B 458 9.30 3.49 -24.57
CA PHE B 458 9.35 2.76 -25.85
C PHE B 458 10.66 2.00 -26.03
N VAL B 459 11.76 2.67 -25.70
CA VAL B 459 13.09 2.07 -25.73
C VAL B 459 13.10 0.76 -24.97
N GLY B 460 12.59 0.79 -23.74
CA GLY B 460 12.43 -0.41 -22.93
C GLY B 460 11.75 -1.52 -23.70
N ALA B 461 10.65 -1.22 -24.38
CA ALA B 461 9.97 -2.22 -25.18
C ALA B 461 10.83 -2.66 -26.37
N ALA B 462 11.95 -1.97 -26.56
CA ALA B 462 12.80 -2.19 -27.74
C ALA B 462 14.12 -2.81 -27.35
N MET B 463 14.16 -3.48 -26.21
CA MET B 463 15.36 -4.18 -25.80
C MET B 463 15.52 -5.40 -26.70
N ARG B 464 16.70 -5.50 -27.33
CA ARG B 464 17.13 -6.71 -28.03
C ARG B 464 18.50 -7.05 -27.49
N SER B 465 18.94 -8.29 -27.65
CA SER B 465 20.27 -8.68 -27.20
C SER B 465 20.73 -9.96 -27.90
N GLU B 466 22.05 -10.16 -27.92
CA GLU B 466 22.64 -11.35 -28.53
C GLU B 466 22.50 -12.53 -27.59
N ALA B 467 22.05 -13.67 -28.12
CA ALA B 467 21.80 -14.85 -27.32
C ALA B 467 22.93 -15.89 -27.41
N LYS B 476 24.84 -16.63 -31.68
CA LYS B 476 24.52 -15.87 -32.89
C LYS B 476 23.09 -15.40 -33.10
N ILE B 477 22.16 -15.76 -32.22
CA ILE B 477 20.77 -15.30 -32.37
C ILE B 477 20.54 -14.02 -31.57
N ILE B 478 19.75 -13.10 -32.10
CA ILE B 478 19.37 -11.91 -31.36
C ILE B 478 17.87 -11.94 -31.08
N MET B 479 17.51 -11.83 -29.81
CA MET B 479 16.11 -11.98 -29.39
C MET B 479 15.62 -10.75 -28.64
N HIS B 480 14.31 -10.64 -28.54
CA HIS B 480 13.70 -9.54 -27.82
C HIS B 480 13.61 -9.82 -26.33
N ASP B 481 13.98 -8.84 -25.53
CA ASP B 481 13.77 -8.92 -24.09
C ASP B 481 13.30 -7.59 -23.52
N PRO B 482 12.02 -7.25 -23.74
CA PRO B 482 11.47 -5.96 -23.28
C PRO B 482 11.69 -5.77 -21.78
N PHE B 483 12.47 -4.76 -21.40
CA PHE B 483 12.81 -4.50 -19.99
C PHE B 483 13.52 -5.66 -19.29
N ALA B 484 14.00 -6.64 -20.04
CA ALA B 484 14.62 -7.83 -19.46
C ALA B 484 13.61 -8.60 -18.63
N MET B 485 12.33 -8.42 -18.96
CA MET B 485 11.23 -8.97 -18.20
C MET B 485 10.38 -9.98 -18.98
N ARG B 486 10.87 -10.41 -20.14
CA ARG B 486 10.07 -11.32 -20.95
C ARG B 486 9.60 -12.56 -20.17
N PRO B 487 10.49 -13.16 -19.35
CA PRO B 487 10.10 -14.31 -18.54
C PRO B 487 9.23 -13.92 -17.33
N PHE B 488 9.27 -12.66 -16.93
CA PHE B 488 8.75 -12.27 -15.63
C PHE B 488 7.55 -11.31 -15.60
N PHE B 489 6.85 -11.14 -16.72
CA PHE B 489 5.64 -10.32 -16.70
C PHE B 489 4.51 -11.04 -15.97
N GLY B 490 3.95 -10.38 -14.96
CA GLY B 490 2.87 -10.96 -14.18
C GLY B 490 1.50 -10.64 -14.77
N TYR B 491 1.50 -9.83 -15.82
CA TYR B 491 0.27 -9.44 -16.50
C TYR B 491 0.56 -9.02 -17.94
N ASN B 492 -0.50 -8.65 -18.65
CA ASN B 492 -0.44 -8.25 -20.05
C ASN B 492 0.62 -7.18 -20.35
N PHE B 493 1.63 -7.55 -21.14
CA PHE B 493 2.73 -6.63 -21.45
C PHE B 493 2.22 -5.29 -21.95
N GLY B 494 1.22 -5.32 -22.82
CA GLY B 494 0.60 -4.09 -23.27
C GLY B 494 0.32 -3.22 -22.08
N LYS B 495 -0.59 -3.70 -21.23
CA LYS B 495 -0.98 -3.06 -19.97
C LYS B 495 0.20 -2.56 -19.13
N TYR B 496 1.27 -3.34 -19.09
CA TYR B 496 2.49 -3.01 -18.34
C TYR B 496 3.23 -1.80 -18.94
N LEU B 497 3.04 -1.56 -20.23
CA LEU B 497 3.64 -0.40 -20.87
C LEU B 497 2.78 0.83 -20.57
N ALA B 498 1.47 0.66 -20.60
CA ALA B 498 0.54 1.69 -20.17
C ALA B 498 0.84 2.11 -18.73
N HIS B 499 1.27 1.14 -17.93
CA HIS B 499 1.62 1.39 -16.54
C HIS B 499 2.86 2.26 -16.42
N TRP B 500 3.92 1.88 -17.15
CA TRP B 500 5.15 2.67 -17.17
C TRP B 500 4.89 4.10 -17.66
N LEU B 501 3.93 4.25 -18.57
CA LEU B 501 3.53 5.56 -19.06
C LEU B 501 2.76 6.32 -17.98
N SER B 502 1.95 5.59 -17.22
CA SER B 502 1.14 6.15 -16.14
C SER B 502 1.99 6.90 -15.12
N MET B 503 3.27 6.53 -15.03
CA MET B 503 4.16 7.12 -14.03
C MET B 503 4.47 8.58 -14.33
N ALA B 504 4.26 8.98 -15.58
CA ALA B 504 4.53 10.35 -16.01
C ALA B 504 3.60 11.33 -15.31
N GLN B 505 2.41 10.85 -14.94
CA GLN B 505 1.37 11.69 -14.38
C GLN B 505 1.43 11.80 -12.85
N HIS B 506 2.17 10.92 -12.20
CA HIS B 506 2.22 10.95 -10.75
C HIS B 506 2.58 12.35 -10.24
N PRO B 507 1.67 12.97 -9.47
CA PRO B 507 1.84 14.36 -9.03
C PRO B 507 3.23 14.64 -8.49
N ALA B 508 3.85 15.72 -8.96
CA ALA B 508 5.15 16.14 -8.47
C ALA B 508 6.21 15.05 -8.71
N ALA B 509 6.12 14.43 -9.88
CA ALA B 509 6.99 13.30 -10.21
C ALA B 509 8.38 13.77 -10.61
N LYS B 510 9.39 13.28 -9.90
CA LYS B 510 10.78 13.40 -10.34
C LYS B 510 11.13 12.20 -11.23
N LEU B 511 10.66 12.22 -12.48
CA LEU B 511 10.87 11.10 -13.40
C LEU B 511 12.34 10.94 -13.74
N PRO B 512 12.98 9.86 -13.25
CA PRO B 512 14.43 9.62 -13.42
C PRO B 512 14.91 9.74 -14.86
N LYS B 513 16.21 9.96 -15.00
CA LYS B 513 16.82 10.12 -16.31
C LYS B 513 17.07 8.74 -16.91
N ILE B 514 16.50 8.50 -18.10
CA ILE B 514 16.63 7.19 -18.73
C ILE B 514 17.78 7.15 -19.75
N PHE B 515 18.61 6.10 -19.64
CA PHE B 515 19.72 5.90 -20.57
C PHE B 515 19.74 4.50 -21.17
N HIS B 516 20.23 4.39 -22.40
CA HIS B 516 20.51 3.08 -22.99
C HIS B 516 22.01 2.87 -23.09
N VAL B 517 22.44 1.61 -23.07
CA VAL B 517 23.86 1.31 -23.16
C VAL B 517 24.18 0.10 -24.04
N ASN B 518 25.44 -0.29 -23.99
CA ASN B 518 25.97 -1.38 -24.81
C ASN B 518 27.48 -1.47 -24.61
N TRP B 519 27.95 -2.63 -24.17
CA TRP B 519 29.37 -2.81 -23.89
C TRP B 519 30.06 -3.56 -25.00
N PHE B 520 29.28 -4.31 -25.75
CA PHE B 520 29.84 -5.34 -26.62
C PHE B 520 29.77 -4.97 -28.11
N ARG B 521 30.29 -3.79 -28.43
CA ARG B 521 30.28 -3.29 -29.80
C ARG B 521 31.60 -3.59 -30.50
N LYS B 522 31.58 -4.56 -31.41
CA LYS B 522 32.77 -5.02 -32.15
C LYS B 522 33.17 -4.07 -33.27
N ASP B 523 34.17 -4.49 -34.05
CA ASP B 523 34.54 -3.77 -35.28
C ASP B 523 34.38 -4.66 -36.52
N LYS B 524 35.46 -4.85 -37.27
CA LYS B 524 35.41 -5.71 -38.46
C LYS B 524 36.07 -7.06 -38.20
N GLU B 525 37.04 -7.07 -37.29
CA GLU B 525 37.62 -8.30 -36.80
C GLU B 525 36.63 -8.91 -35.83
N GLY B 526 36.20 -8.08 -34.88
CA GLY B 526 35.26 -8.49 -33.86
C GLY B 526 35.60 -7.80 -32.56
N LYS B 527 36.76 -7.15 -32.53
CA LYS B 527 37.25 -6.50 -31.31
C LYS B 527 36.24 -5.53 -30.71
N PHE B 528 35.83 -5.79 -29.47
CA PHE B 528 35.01 -4.85 -28.73
C PHE B 528 35.77 -3.54 -28.68
N LEU B 529 35.05 -2.45 -28.93
CA LEU B 529 35.66 -1.14 -29.02
C LEU B 529 35.83 -0.50 -27.65
N TRP B 530 35.05 -0.96 -26.68
CA TRP B 530 35.22 -0.50 -25.31
C TRP B 530 35.81 -1.62 -24.45
N PRO B 531 36.90 -1.31 -23.73
CA PRO B 531 37.54 -2.19 -22.75
C PRO B 531 36.53 -2.64 -21.69
N GLY B 532 35.41 -1.93 -21.62
CA GLY B 532 34.28 -2.32 -20.80
C GLY B 532 34.62 -2.57 -19.36
N PHE B 533 33.67 -3.17 -18.66
CA PHE B 533 33.91 -3.67 -17.31
C PHE B 533 34.46 -2.58 -16.38
N GLY B 534 35.63 -2.80 -15.77
CA GLY B 534 36.18 -1.84 -14.83
C GLY B 534 36.19 -0.41 -15.36
N GLU B 535 36.10 -0.29 -16.68
CA GLU B 535 36.16 0.98 -17.39
C GLU B 535 34.83 1.69 -17.48
N ASN B 536 33.75 0.93 -17.53
CA ASN B 536 32.42 1.50 -17.67
C ASN B 536 32.20 2.60 -16.65
N SER B 537 32.99 2.53 -15.57
CA SER B 537 33.02 3.58 -14.55
C SER B 537 33.28 4.95 -15.16
N ARG B 538 33.59 4.98 -16.46
CA ARG B 538 33.75 6.24 -17.17
C ARG B 538 32.42 6.74 -17.74
N VAL B 539 31.53 5.81 -18.07
CA VAL B 539 30.21 6.14 -18.63
C VAL B 539 29.19 6.56 -17.57
N LEU B 540 29.37 6.07 -16.35
CA LEU B 540 28.48 6.44 -15.25
C LEU B 540 28.81 7.84 -14.74
N GLU B 541 30.05 8.27 -14.95
CA GLU B 541 30.46 9.64 -14.66
C GLU B 541 29.88 10.59 -15.70
N TRP B 542 29.70 10.09 -16.92
CA TRP B 542 28.95 10.84 -17.92
C TRP B 542 27.58 11.12 -17.35
N MET B 543 26.85 10.04 -17.06
CA MET B 543 25.48 10.10 -16.61
C MET B 543 25.35 10.93 -15.33
N PHE B 544 26.26 10.68 -14.39
CA PHE B 544 26.32 11.42 -13.13
C PHE B 544 26.33 12.90 -13.42
N ASN B 545 27.06 13.28 -14.47
CA ASN B 545 27.13 14.67 -14.87
C ASN B 545 25.96 15.12 -15.77
N ARG B 546 25.32 14.16 -16.44
CA ARG B 546 24.10 14.45 -17.19
C ARG B 546 22.94 14.77 -16.24
N ILE B 547 22.92 14.09 -15.09
CA ILE B 547 21.92 14.35 -14.06
C ILE B 547 22.03 15.81 -13.59
N ASP B 548 23.24 16.21 -13.17
CA ASP B 548 23.50 17.58 -12.74
C ASP B 548 23.53 18.57 -13.91
N GLY B 549 23.71 18.08 -15.13
CA GLY B 549 23.87 18.92 -16.31
C GLY B 549 25.33 19.03 -16.75
N THR B 553 26.88 16.89 -23.24
CA THR B 553 25.80 16.38 -24.09
C THR B 553 25.92 16.67 -25.59
N LYS B 554 25.49 15.69 -26.40
CA LYS B 554 25.61 15.76 -27.85
C LYS B 554 24.38 15.09 -28.51
N LEU B 555 23.51 15.90 -29.14
CA LEU B 555 22.25 15.38 -29.67
C LEU B 555 22.37 14.51 -30.95
N THR B 556 21.65 13.39 -30.95
CA THR B 556 21.56 12.52 -32.13
C THR B 556 20.08 12.14 -32.39
N PRO B 557 19.81 11.30 -33.39
CA PRO B 557 18.41 10.90 -33.61
C PRO B 557 17.88 9.95 -32.54
N ILE B 558 18.75 9.09 -32.01
CA ILE B 558 18.32 8.14 -30.98
C ILE B 558 18.36 8.77 -29.58
N GLY B 559 18.74 10.05 -29.51
CA GLY B 559 18.89 10.71 -28.22
C GLY B 559 20.36 10.99 -27.91
N TYR B 560 20.60 11.92 -26.99
CA TYR B 560 21.96 12.43 -26.77
C TYR B 560 23.04 11.36 -26.61
N ILE B 561 24.21 11.65 -27.17
CA ILE B 561 25.41 10.89 -26.88
C ILE B 561 26.34 11.83 -26.14
N PRO B 562 27.46 11.30 -25.64
CA PRO B 562 28.42 12.16 -24.93
C PRO B 562 29.16 13.09 -25.90
N LYS B 563 29.37 14.34 -25.50
CA LYS B 563 30.15 15.26 -26.31
C LYS B 563 31.52 14.65 -26.59
N GLU B 564 31.94 14.76 -27.84
CA GLU B 564 33.24 14.29 -28.28
C GLU B 564 34.35 14.83 -27.36
N ASP B 565 35.11 13.90 -26.78
CA ASP B 565 36.21 14.20 -25.84
C ASP B 565 35.79 14.64 -24.43
N ALA B 566 34.49 14.64 -24.15
CA ALA B 566 34.00 14.92 -22.81
C ALA B 566 33.99 13.64 -21.98
N LEU B 567 34.50 12.57 -22.60
CA LEU B 567 34.56 11.25 -21.98
C LEU B 567 35.96 10.96 -21.46
N ASN B 568 36.13 11.00 -20.15
CA ASN B 568 37.43 10.82 -19.52
C ASN B 568 38.19 9.60 -20.04
N LEU B 569 38.98 9.80 -21.09
CA LEU B 569 39.75 8.72 -21.69
C LEU B 569 41.13 8.65 -21.04
N LYS B 570 41.29 9.39 -19.94
CA LYS B 570 42.55 9.48 -19.23
C LYS B 570 43.04 8.10 -18.78
N GLY B 571 44.34 7.87 -18.85
CA GLY B 571 44.94 6.60 -18.48
C GLY B 571 44.40 5.43 -19.29
N LEU B 572 43.71 5.75 -20.37
CA LEU B 572 43.03 4.74 -21.19
C LEU B 572 43.60 4.71 -22.60
N GLY B 573 44.17 3.56 -22.97
CA GLY B 573 44.74 3.35 -24.29
C GLY B 573 43.87 3.89 -25.41
N HIS B 574 44.47 4.09 -26.57
CA HIS B 574 43.73 4.66 -27.69
C HIS B 574 42.40 3.96 -27.89
N ILE B 575 41.34 4.77 -27.97
CA ILE B 575 40.00 4.28 -28.24
C ILE B 575 39.50 4.84 -29.56
N ASN B 576 39.01 3.96 -30.44
CA ASN B 576 38.27 4.41 -31.61
C ASN B 576 36.91 4.92 -31.15
N MET B 577 36.83 6.22 -30.92
CA MET B 577 35.63 6.84 -30.35
C MET B 577 34.53 7.06 -31.38
N MET B 578 34.94 7.30 -32.63
CA MET B 578 34.01 7.64 -33.69
C MET B 578 33.22 6.43 -34.15
N GLU B 579 33.83 5.25 -34.03
CA GLU B 579 33.14 4.03 -34.41
C GLU B 579 32.32 3.47 -33.24
N LEU B 580 32.84 3.66 -32.02
CA LEU B 580 32.17 3.17 -30.81
C LEU B 580 30.82 3.85 -30.63
N PHE B 581 30.74 5.10 -31.07
CA PHE B 581 29.51 5.88 -30.99
C PHE B 581 28.86 6.13 -32.35
N SER B 582 29.40 5.53 -33.41
CA SER B 582 28.89 5.79 -34.75
C SER B 582 27.47 5.26 -34.94
N ILE B 583 26.60 6.11 -35.47
CA ILE B 583 25.25 5.74 -35.83
C ILE B 583 25.18 5.60 -37.34
N SER B 584 24.41 4.63 -37.81
CA SER B 584 24.21 4.51 -39.25
C SER B 584 22.73 4.55 -39.57
N LYS B 585 22.38 5.21 -40.66
CA LYS B 585 21.00 5.26 -41.11
C LYS B 585 20.56 3.87 -41.59
N GLU B 586 21.53 3.01 -41.83
CA GLU B 586 21.25 1.67 -42.32
C GLU B 586 20.89 0.74 -41.17
N PHE B 587 21.86 0.53 -40.27
CA PHE B 587 21.74 -0.33 -39.11
C PHE B 587 20.51 0.03 -38.28
N TRP B 588 20.19 1.31 -38.28
CA TRP B 588 19.13 1.87 -37.44
C TRP B 588 17.79 2.00 -38.14
N ASP B 589 17.77 1.73 -39.44
CA ASP B 589 16.52 1.62 -40.17
C ASP B 589 16.08 0.17 -40.19
N LYS B 590 17.05 -0.73 -40.07
CA LYS B 590 16.75 -2.14 -39.89
C LYS B 590 16.05 -2.25 -38.54
N GLU B 591 16.61 -1.53 -37.57
CA GLU B 591 16.19 -1.59 -36.18
C GLU B 591 14.79 -1.02 -35.97
N VAL B 592 14.60 0.25 -36.31
CA VAL B 592 13.30 0.89 -36.13
C VAL B 592 12.22 0.17 -36.96
N GLU B 593 12.66 -0.85 -37.70
CA GLU B 593 11.79 -1.68 -38.51
C GLU B 593 11.36 -2.92 -37.74
N ASP B 594 12.35 -3.54 -37.10
CA ASP B 594 12.15 -4.80 -36.41
C ASP B 594 11.38 -4.59 -35.10
N ILE B 595 11.78 -3.57 -34.36
CA ILE B 595 11.14 -3.19 -33.11
C ILE B 595 9.65 -3.07 -33.29
N GLU B 596 9.25 -2.68 -34.50
CA GLU B 596 7.85 -2.50 -34.84
C GLU B 596 7.20 -3.80 -35.29
N LYS B 597 8.01 -4.82 -35.56
CA LYS B 597 7.47 -6.11 -35.97
C LYS B 597 7.05 -6.91 -34.75
N TYR B 598 7.88 -6.87 -33.71
CA TYR B 598 7.59 -7.59 -32.48
C TYR B 598 6.32 -7.04 -31.86
N LEU B 599 6.42 -5.79 -31.40
CA LEU B 599 5.38 -5.13 -30.64
C LEU B 599 4.00 -5.23 -31.28
N VAL B 600 3.91 -4.93 -32.57
CA VAL B 600 2.63 -4.94 -33.27
C VAL B 600 2.08 -6.35 -33.42
N ASP B 601 2.95 -7.31 -33.63
CA ASP B 601 2.52 -8.68 -33.83
C ASP B 601 2.27 -9.37 -32.47
N GLN B 602 3.17 -9.15 -31.52
CA GLN B 602 3.07 -9.78 -30.20
C GLN B 602 2.07 -9.12 -29.25
N VAL B 603 2.31 -7.85 -28.93
CA VAL B 603 1.41 -7.09 -28.06
C VAL B 603 0.05 -6.89 -28.72
N ASN B 604 0.04 -6.72 -30.04
CA ASN B 604 -1.20 -6.56 -30.81
C ASN B 604 -2.14 -5.48 -30.24
N ALA B 605 -3.40 -5.84 -30.04
CA ALA B 605 -4.44 -4.87 -29.69
C ALA B 605 -4.18 -4.13 -28.38
N ASP B 606 -3.39 -4.75 -27.50
CA ASP B 606 -3.14 -4.21 -26.17
C ASP B 606 -1.95 -3.26 -26.14
N LEU B 607 -1.44 -2.91 -27.31
CA LEU B 607 -0.28 -2.01 -27.43
C LEU B 607 -0.70 -0.55 -27.24
N PRO B 608 -0.04 0.16 -26.30
CA PRO B 608 -0.33 1.59 -26.08
C PRO B 608 0.08 2.45 -27.28
N CYS B 609 -0.82 3.31 -27.74
CA CYS B 609 -0.55 4.16 -28.89
C CYS B 609 0.48 5.20 -28.54
N GLU B 610 0.60 5.52 -27.25
CA GLU B 610 1.65 6.39 -26.76
C GLU B 610 3.04 5.84 -27.09
N ILE B 611 3.05 4.60 -27.60
CA ILE B 611 4.29 3.90 -27.91
C ILE B 611 4.58 3.94 -29.41
N GLU B 612 3.52 3.82 -30.20
CA GLU B 612 3.63 3.92 -31.65
C GLU B 612 4.12 5.29 -32.09
N ARG B 613 3.67 6.32 -31.42
CA ARG B 613 4.14 7.67 -31.73
C ARG B 613 5.66 7.76 -31.54
N GLU B 614 6.19 7.12 -30.49
CA GLU B 614 7.63 7.06 -30.31
C GLU B 614 8.28 6.22 -31.41
N ILE B 615 7.51 5.30 -31.98
CA ILE B 615 7.96 4.47 -33.10
C ILE B 615 8.29 5.33 -34.33
N LEU B 616 7.43 6.31 -34.60
CA LEU B 616 7.55 7.13 -35.80
C LEU B 616 8.38 8.40 -35.56
N ALA B 617 8.79 8.60 -34.31
CA ALA B 617 9.68 9.70 -33.94
C ALA B 617 11.11 9.40 -34.34
N LEU B 618 11.63 8.25 -33.92
CA LEU B 618 12.92 7.79 -34.41
C LEU B 618 12.77 7.35 -35.87
N LYS B 619 11.61 6.78 -36.21
CA LYS B 619 11.31 6.43 -37.60
C LYS B 619 11.63 7.61 -38.52
N GLN B 620 11.14 8.79 -38.14
CA GLN B 620 11.41 10.00 -38.89
C GLN B 620 12.84 10.49 -38.68
N ARG B 621 13.26 10.53 -37.41
CA ARG B 621 14.62 10.99 -37.05
C ARG B 621 15.74 10.12 -37.63
N ILE B 622 15.40 9.27 -38.59
CA ILE B 622 16.39 8.48 -39.28
C ILE B 622 16.27 8.65 -40.81
N SER B 623 15.05 8.85 -41.28
CA SER B 623 14.83 9.18 -42.69
C SER B 623 15.37 10.58 -42.98
N GLN B 624 15.57 11.34 -41.90
CA GLN B 624 16.04 12.71 -42.02
C GLN B 624 17.55 12.81 -41.78
N MET B 625 18.26 11.69 -41.96
CA MET B 625 19.72 11.65 -41.85
C MET B 625 20.34 10.88 -43.03
#